data_1EMS
#
_entry.id   1EMS
#
_cell.length_a   68.750
_cell.length_b   100.440
_cell.length_c   158.650
_cell.angle_alpha   90.00
_cell.angle_beta   90.00
_cell.angle_gamma   90.00
#
_symmetry.space_group_name_H-M   'P 21 21 2'
#
loop_
_entity.id
_entity.type
_entity.pdbx_description
1 polymer 'NIT-FRAGILE HISTIDINE TRIAD FUSION PROTEIN'
2 non-polymer 'ETHYL MERCURY ION'
3 non-polymer 'SODIUM ION'
4 non-polymer (4S)-2-METHYL-2,4-PENTANEDIOL
5 water water
#
_entity_poly.entity_id   1
_entity_poly.type   'polypeptide(L)'
_entity_poly.pdbx_seq_one_letter_code
;MLSTVFRRTMATGRHFIAVCQMTSDNDLEKNFQAAKNMIERAGEKKCEMVFLPECFDFIGLNKNEQIDLAMATDCEYMEK
YRELARKHNIWLSLGGLHHKDPSDAAHPWNTHLIIDSDGVTRAEYNKLHLFDLEIPGKVRLMESEFSKAGTEMIPPVDTP
IGRLGLSICYDVRFPELSLWNRKRGAQLLSFPSAFTLNTGLAHWETLLRARAIENQCYVVAAAQTGAHNPKRQSYGHSMV
VDPWGAVVAQCSERVDMCFAEIDLSYVDTLREMQPVFSHRRSDLYTLHINEKSSETGGLKFARFNIPADHIFYSTPHSFV
FVNLKPVTDGHVLVSPKRVVPRLTDLTDAETADLFIVAKKVQAMLEKHHNVTSTTICVQDGKDAGQTVPHVHIHILPRRA
GDFGDNEIYQKLASHDKEPERKPRSNEQMAEEAVVYRNLM
;
_entity_poly.pdbx_strand_id   A,B
#
loop_
_chem_comp.id
_chem_comp.type
_chem_comp.name
_chem_comp.formula
EMC non-polymer 'ETHYL MERCURY ION' 'C2 H5 Hg 1'
MPD non-polymer (4S)-2-METHYL-2,4-PENTANEDIOL 'C6 H14 O2'
NA non-polymer 'SODIUM ION' 'Na 1'
#
# COMPACT_ATOMS: atom_id res chain seq x y z
N MET A 10 1.90 0.03 -27.70
CA MET A 10 1.39 -0.60 -26.46
C MET A 10 1.68 0.19 -25.19
N ALA A 11 0.90 -0.06 -24.14
CA ALA A 11 1.04 0.63 -22.87
C ALA A 11 2.46 0.68 -22.29
N THR A 12 2.82 1.85 -21.76
CA THR A 12 4.12 2.11 -21.14
C THR A 12 3.89 3.26 -20.14
N GLY A 13 4.89 3.56 -19.32
CA GLY A 13 4.74 4.65 -18.35
C GLY A 13 3.92 4.34 -17.11
N ARG A 14 3.50 5.39 -16.40
CA ARG A 14 2.72 5.24 -15.17
C ARG A 14 1.24 5.11 -15.47
N HIS A 15 0.53 4.38 -14.62
CA HIS A 15 -0.90 4.15 -14.75
C HIS A 15 -1.53 4.01 -13.38
N PHE A 16 -2.64 4.71 -13.19
CA PHE A 16 -3.32 4.70 -11.92
C PHE A 16 -4.43 3.65 -11.91
N ILE A 17 -4.45 2.80 -10.88
CA ILE A 17 -5.47 1.75 -10.77
C ILE A 17 -6.07 1.67 -9.36
N ALA A 18 -7.23 1.02 -9.27
CA ALA A 18 -7.94 0.87 -8.01
C ALA A 18 -8.27 -0.59 -7.78
N VAL A 19 -8.06 -1.08 -6.56
CA VAL A 19 -8.37 -2.47 -6.23
C VAL A 19 -9.50 -2.51 -5.20
N CYS A 20 -10.54 -3.29 -5.51
CA CYS A 20 -11.72 -3.40 -4.63
C CYS A 20 -11.81 -4.66 -3.78
N GLN A 21 -12.24 -4.47 -2.54
CA GLN A 21 -12.42 -5.59 -1.62
C GLN A 21 -13.89 -5.58 -1.23
N MET A 22 -14.46 -6.76 -1.03
CA MET A 22 -15.85 -6.81 -0.64
C MET A 22 -16.26 -8.08 0.07
N THR A 23 -17.48 -8.09 0.59
CA THR A 23 -18.02 -9.24 1.31
C THR A 23 -19.30 -9.69 0.60
N SER A 24 -19.15 -10.36 -0.52
CA SER A 24 -20.29 -10.82 -1.28
C SER A 24 -21.09 -11.89 -0.57
N ASP A 25 -22.40 -11.80 -0.70
CA ASP A 25 -23.33 -12.77 -0.13
C ASP A 25 -24.34 -13.12 -1.24
N ASN A 26 -25.57 -13.49 -0.88
CA ASN A 26 -26.56 -13.84 -1.90
C ASN A 26 -27.49 -12.70 -2.28
N ASP A 27 -27.10 -11.47 -1.98
CA ASP A 27 -27.93 -10.34 -2.31
C ASP A 27 -27.29 -9.57 -3.48
N LEU A 28 -27.50 -10.07 -4.68
CA LEU A 28 -26.95 -9.45 -5.89
C LEU A 28 -26.98 -7.92 -5.87
N GLU A 29 -28.10 -7.36 -5.43
CA GLU A 29 -28.26 -5.91 -5.39
C GLU A 29 -27.30 -5.26 -4.41
N LYS A 30 -27.13 -5.88 -3.24
CA LYS A 30 -26.21 -5.33 -2.25
C LYS A 30 -24.78 -5.42 -2.77
N ASN A 31 -24.39 -6.59 -3.29
CA ASN A 31 -23.04 -6.77 -3.82
C ASN A 31 -22.79 -5.76 -4.96
N PHE A 32 -23.76 -5.61 -5.85
CA PHE A 32 -23.60 -4.68 -6.97
C PHE A 32 -23.45 -3.25 -6.50
N GLN A 33 -24.24 -2.85 -5.50
CA GLN A 33 -24.16 -1.49 -5.02
C GLN A 33 -22.80 -1.25 -4.38
N ALA A 34 -22.26 -2.27 -3.73
CA ALA A 34 -20.95 -2.16 -3.10
C ALA A 34 -19.92 -1.94 -4.20
N ALA A 35 -19.97 -2.80 -5.22
CA ALA A 35 -19.04 -2.71 -6.34
C ALA A 35 -19.20 -1.41 -7.11
N LYS A 36 -20.44 -0.98 -7.30
CA LYS A 36 -20.72 0.23 -8.04
C LYS A 36 -20.14 1.45 -7.33
N ASN A 37 -20.32 1.51 -6.01
CA ASN A 37 -19.81 2.62 -5.22
C ASN A 37 -18.32 2.77 -5.48
N MET A 38 -17.59 1.67 -5.39
CA MET A 38 -16.15 1.70 -5.57
C MET A 38 -15.72 2.01 -7.00
N ILE A 39 -16.47 1.52 -7.98
CA ILE A 39 -16.11 1.79 -9.36
C ILE A 39 -16.27 3.30 -9.62
N GLU A 40 -17.29 3.89 -9.00
CA GLU A 40 -17.54 5.31 -9.18
C GLU A 40 -16.39 6.13 -8.58
N ARG A 41 -15.97 5.76 -7.37
CA ARG A 41 -14.88 6.48 -6.73
C ARG A 41 -13.61 6.31 -7.55
N ALA A 42 -13.44 5.14 -8.16
CA ALA A 42 -12.27 4.89 -8.97
C ALA A 42 -12.32 5.83 -10.17
N GLY A 43 -13.50 5.93 -10.79
CA GLY A 43 -13.65 6.80 -11.94
C GLY A 43 -13.40 8.26 -11.59
N GLU A 44 -13.87 8.68 -10.43
CA GLU A 44 -13.68 10.04 -9.98
C GLU A 44 -12.19 10.38 -9.81
N LYS A 45 -11.37 9.37 -9.48
CA LYS A 45 -9.93 9.54 -9.30
C LYS A 45 -9.20 9.31 -10.62
N LYS A 46 -9.97 9.17 -11.69
CA LYS A 46 -9.42 8.96 -13.02
C LYS A 46 -8.60 7.68 -13.17
N CYS A 47 -8.99 6.63 -12.46
CA CYS A 47 -8.26 5.37 -12.58
C CYS A 47 -8.56 4.78 -13.93
N GLU A 48 -7.56 4.14 -14.53
CA GLU A 48 -7.75 3.53 -15.84
C GLU A 48 -8.35 2.14 -15.72
N MET A 49 -8.29 1.55 -14.53
CA MET A 49 -8.82 0.23 -14.34
C MET A 49 -9.07 -0.13 -12.87
N VAL A 50 -10.13 -0.88 -12.62
CA VAL A 50 -10.49 -1.32 -11.27
C VAL A 50 -10.57 -2.83 -11.25
N PHE A 51 -10.19 -3.42 -10.13
CA PHE A 51 -10.24 -4.88 -10.02
C PHE A 51 -11.21 -5.38 -8.97
N LEU A 52 -12.17 -6.20 -9.38
CA LEU A 52 -13.13 -6.74 -8.42
C LEU A 52 -12.62 -8.14 -8.05
N PRO A 53 -12.91 -8.60 -6.82
CA PRO A 53 -12.49 -9.92 -6.31
C PRO A 53 -13.18 -11.10 -6.99
N GLU A 54 -12.73 -12.31 -6.64
CA GLU A 54 -13.27 -13.52 -7.22
C GLU A 54 -14.79 -13.59 -7.30
N CYS A 55 -15.47 -13.93 -6.22
CA CYS A 55 -16.93 -14.06 -6.32
C CYS A 55 -17.69 -12.75 -6.17
N PHE A 56 -17.24 -11.74 -6.92
CA PHE A 56 -17.84 -10.41 -6.88
C PHE A 56 -19.34 -10.39 -7.13
N ASP A 57 -19.82 -11.36 -7.89
CA ASP A 57 -21.24 -11.41 -8.20
C ASP A 57 -22.06 -11.84 -6.99
N PHE A 58 -21.64 -12.91 -6.33
CA PHE A 58 -22.37 -13.40 -5.17
C PHE A 58 -21.75 -14.67 -4.59
N ILE A 59 -22.14 -15.00 -3.37
CA ILE A 59 -21.71 -16.23 -2.73
C ILE A 59 -23.01 -16.79 -2.15
N GLY A 60 -23.50 -17.88 -2.71
CA GLY A 60 -24.75 -18.46 -2.26
C GLY A 60 -24.68 -19.34 -1.04
N LEU A 61 -25.84 -19.64 -0.48
CA LEU A 61 -25.94 -20.49 0.71
C LEU A 61 -26.00 -21.96 0.33
N ASN A 62 -26.15 -22.27 -0.95
CA ASN A 62 -26.21 -23.66 -1.39
C ASN A 62 -26.16 -23.80 -2.91
N LYS A 63 -25.97 -25.03 -3.38
CA LYS A 63 -25.90 -25.32 -4.82
C LYS A 63 -27.05 -24.73 -5.63
N ASN A 64 -28.27 -25.01 -5.20
CA ASN A 64 -29.45 -24.51 -5.89
C ASN A 64 -29.54 -23.00 -5.92
N GLU A 65 -29.11 -22.34 -4.87
CA GLU A 65 -29.17 -20.89 -4.84
C GLU A 65 -28.17 -20.29 -5.81
N GLN A 66 -26.98 -20.89 -5.90
CA GLN A 66 -25.92 -20.40 -6.78
C GLN A 66 -26.28 -20.57 -8.25
N ILE A 67 -27.18 -21.51 -8.52
CA ILE A 67 -27.64 -21.73 -9.87
C ILE A 67 -28.66 -20.64 -10.18
N ASP A 68 -29.56 -20.37 -9.24
CA ASP A 68 -30.55 -19.33 -9.45
C ASP A 68 -29.82 -17.99 -9.60
N LEU A 69 -28.90 -17.70 -8.69
CA LEU A 69 -28.16 -16.44 -8.71
C LEU A 69 -27.32 -16.23 -9.99
N ALA A 70 -26.81 -17.32 -10.57
CA ALA A 70 -26.04 -17.20 -11.80
C ALA A 70 -26.93 -16.63 -12.90
N MET A 71 -28.17 -17.11 -12.96
CA MET A 71 -29.13 -16.64 -13.97
C MET A 71 -29.51 -15.19 -13.72
N ALA A 72 -29.84 -14.88 -12.47
CA ALA A 72 -30.26 -13.54 -12.09
C ALA A 72 -29.13 -12.53 -12.28
N THR A 73 -27.89 -13.01 -12.21
CA THR A 73 -26.73 -12.14 -12.37
C THR A 73 -26.55 -11.81 -13.85
N ASP A 74 -26.48 -12.87 -14.64
CA ASP A 74 -26.32 -12.78 -16.07
C ASP A 74 -27.43 -11.96 -16.70
N CYS A 75 -28.61 -12.06 -16.12
CA CYS A 75 -29.79 -11.38 -16.62
C CYS A 75 -29.86 -9.90 -16.35
N GLU A 76 -29.39 -9.47 -15.20
CA GLU A 76 -29.49 -8.07 -14.84
C GLU A 76 -28.22 -7.31 -14.55
N TYR A 77 -27.27 -7.92 -13.86
CA TYR A 77 -26.08 -7.21 -13.48
C TYR A 77 -24.90 -7.18 -14.43
N MET A 78 -24.69 -8.25 -15.18
CA MET A 78 -23.58 -8.29 -16.10
C MET A 78 -23.57 -7.02 -16.96
N GLU A 79 -24.71 -6.69 -17.55
CA GLU A 79 -24.79 -5.50 -18.39
C GLU A 79 -24.58 -4.23 -17.59
N LYS A 80 -25.08 -4.20 -16.36
CA LYS A 80 -24.92 -3.02 -15.52
C LYS A 80 -23.45 -2.68 -15.32
N TYR A 81 -22.60 -3.71 -15.23
CA TYR A 81 -21.16 -3.48 -15.09
C TYR A 81 -20.60 -2.87 -16.38
N ARG A 82 -21.06 -3.38 -17.52
CA ARG A 82 -20.62 -2.87 -18.81
C ARG A 82 -20.99 -1.41 -18.92
N GLU A 83 -22.13 -1.03 -18.35
CA GLU A 83 -22.57 0.35 -18.39
C GLU A 83 -21.65 1.21 -17.53
N LEU A 84 -21.29 0.70 -16.36
CA LEU A 84 -20.40 1.41 -15.46
C LEU A 84 -19.07 1.60 -16.16
N ALA A 85 -18.62 0.56 -16.83
CA ALA A 85 -17.37 0.63 -17.55
C ALA A 85 -17.40 1.80 -18.52
N ARG A 86 -18.48 1.91 -19.30
CA ARG A 86 -18.61 2.99 -20.29
C ARG A 86 -18.79 4.36 -19.64
N LYS A 87 -19.67 4.43 -18.65
CA LYS A 87 -19.94 5.69 -17.99
C LYS A 87 -18.69 6.29 -17.37
N HIS A 88 -17.96 5.48 -16.62
CA HIS A 88 -16.77 5.98 -15.97
C HIS A 88 -15.50 5.79 -16.77
N ASN A 89 -15.65 5.59 -18.08
CA ASN A 89 -14.51 5.41 -18.97
C ASN A 89 -13.34 4.65 -18.31
N ILE A 90 -13.67 3.51 -17.71
CA ILE A 90 -12.67 2.72 -17.02
C ILE A 90 -12.73 1.25 -17.41
N TRP A 91 -11.60 0.56 -17.34
CA TRP A 91 -11.57 -0.87 -17.64
C TRP A 91 -11.90 -1.64 -16.36
N LEU A 92 -12.55 -2.79 -16.52
CA LEU A 92 -12.90 -3.62 -15.38
C LEU A 92 -12.25 -4.99 -15.44
N SER A 93 -11.95 -5.52 -14.26
CA SER A 93 -11.39 -6.84 -14.11
C SER A 93 -12.39 -7.48 -13.16
N LEU A 94 -13.27 -8.32 -13.70
CA LEU A 94 -14.25 -8.98 -12.87
C LEU A 94 -13.64 -10.32 -12.45
N GLY A 95 -13.04 -10.29 -11.26
CA GLY A 95 -12.34 -11.42 -10.68
C GLY A 95 -12.77 -12.87 -10.74
N GLY A 96 -13.99 -13.16 -11.18
CA GLY A 96 -14.39 -14.56 -11.24
C GLY A 96 -15.87 -14.78 -10.98
N LEU A 97 -16.68 -14.46 -11.99
CA LEU A 97 -18.12 -14.62 -11.88
C LEU A 97 -18.52 -16.06 -12.13
N HIS A 98 -19.70 -16.44 -11.64
CA HIS A 98 -20.25 -17.78 -11.83
C HIS A 98 -20.83 -17.76 -13.25
N HIS A 99 -20.02 -18.19 -14.21
CA HIS A 99 -20.40 -18.23 -15.62
C HIS A 99 -21.25 -19.47 -15.90
N LYS A 100 -22.58 -19.29 -15.90
CA LYS A 100 -23.51 -20.39 -16.12
C LYS A 100 -23.31 -21.12 -17.45
N ASP A 101 -23.17 -22.44 -17.39
CA ASP A 101 -22.98 -23.24 -18.59
C ASP A 101 -24.33 -23.79 -19.04
N PRO A 102 -24.78 -23.38 -20.23
CA PRO A 102 -26.04 -23.77 -20.88
C PRO A 102 -26.38 -25.25 -20.83
N SER A 103 -25.37 -26.11 -20.78
CA SER A 103 -25.65 -27.53 -20.75
C SER A 103 -25.28 -28.24 -19.45
N ASP A 104 -24.96 -27.45 -18.42
CA ASP A 104 -24.61 -27.99 -17.10
C ASP A 104 -24.76 -26.92 -16.00
N ALA A 105 -26.01 -26.68 -15.57
CA ALA A 105 -26.30 -25.68 -14.55
C ALA A 105 -25.61 -25.93 -13.21
N ALA A 106 -25.19 -27.16 -12.97
CA ALA A 106 -24.53 -27.50 -11.71
C ALA A 106 -23.06 -27.11 -11.69
N HIS A 107 -22.45 -27.02 -12.87
CA HIS A 107 -21.03 -26.70 -12.98
C HIS A 107 -20.66 -25.49 -13.82
N PRO A 108 -20.87 -24.28 -13.30
CA PRO A 108 -20.51 -23.10 -14.08
C PRO A 108 -19.00 -22.94 -14.03
N TRP A 109 -18.46 -22.08 -14.90
CA TRP A 109 -17.03 -21.84 -14.91
C TRP A 109 -16.82 -20.69 -13.94
N ASN A 110 -15.56 -20.50 -13.54
CA ASN A 110 -15.21 -19.42 -12.65
C ASN A 110 -14.46 -18.52 -13.62
N THR A 111 -15.17 -17.57 -14.22
CA THR A 111 -14.56 -16.72 -15.22
C THR A 111 -14.04 -15.36 -14.78
N HIS A 112 -12.81 -15.07 -15.20
CA HIS A 112 -12.20 -13.79 -14.90
C HIS A 112 -12.37 -13.03 -16.21
N LEU A 113 -13.16 -11.97 -16.16
CA LEU A 113 -13.44 -11.15 -17.34
C LEU A 113 -12.74 -9.81 -17.34
N ILE A 114 -12.23 -9.39 -18.50
CA ILE A 114 -11.62 -8.08 -18.60
C ILE A 114 -12.50 -7.28 -19.57
N ILE A 115 -13.14 -6.24 -19.07
CA ILE A 115 -14.03 -5.42 -19.87
C ILE A 115 -13.39 -4.06 -20.13
N ASP A 116 -13.41 -3.62 -21.38
CA ASP A 116 -12.78 -2.33 -21.71
C ASP A 116 -13.70 -1.15 -21.49
N SER A 117 -13.19 0.04 -21.80
CA SER A 117 -13.93 1.30 -21.65
C SER A 117 -15.29 1.33 -22.32
N ASP A 118 -15.48 0.49 -23.32
CA ASP A 118 -16.74 0.47 -24.03
C ASP A 118 -17.64 -0.67 -23.62
N GLY A 119 -17.28 -1.35 -22.55
CA GLY A 119 -18.07 -2.47 -22.07
C GLY A 119 -17.95 -3.71 -22.94
N VAL A 120 -16.85 -3.83 -23.65
CA VAL A 120 -16.62 -4.97 -24.54
C VAL A 120 -15.67 -5.99 -23.87
N THR A 121 -16.05 -7.27 -23.90
CA THR A 121 -15.18 -8.28 -23.30
C THR A 121 -13.88 -8.30 -24.09
N ARG A 122 -12.79 -8.12 -23.37
CA ARG A 122 -11.48 -8.07 -23.98
C ARG A 122 -10.73 -9.40 -23.82
N ALA A 123 -11.16 -10.19 -22.83
CA ALA A 123 -10.53 -11.50 -22.53
C ALA A 123 -11.34 -12.28 -21.49
N GLU A 124 -11.17 -13.59 -21.48
CA GLU A 124 -11.88 -14.47 -20.54
C GLU A 124 -10.99 -15.61 -20.05
N TYR A 125 -10.78 -15.67 -18.73
CA TYR A 125 -9.98 -16.73 -18.16
C TYR A 125 -10.86 -17.62 -17.31
N ASN A 126 -10.82 -18.92 -17.57
CA ASN A 126 -11.60 -19.85 -16.76
C ASN A 126 -10.65 -20.50 -15.78
N LYS A 127 -10.96 -20.42 -14.50
CA LYS A 127 -10.12 -20.99 -13.44
C LYS A 127 -9.68 -22.43 -13.77
N LEU A 128 -8.37 -22.64 -13.87
CA LEU A 128 -7.81 -23.94 -14.19
C LEU A 128 -7.63 -24.83 -12.96
N HIS A 129 -7.32 -24.23 -11.81
CA HIS A 129 -7.11 -24.99 -10.58
C HIS A 129 -8.25 -24.89 -9.55
N LEU A 130 -8.83 -26.04 -9.23
CA LEU A 130 -9.94 -26.10 -8.27
C LEU A 130 -9.52 -26.96 -7.08
N PHE A 131 -9.94 -26.57 -5.88
CA PHE A 131 -9.58 -27.32 -4.69
C PHE A 131 -10.56 -28.48 -4.45
N ASP A 132 -10.08 -29.70 -4.63
CA ASP A 132 -10.87 -30.92 -4.42
C ASP A 132 -10.22 -31.79 -3.34
N LEU A 133 -10.92 -31.94 -2.22
CA LEU A 133 -10.44 -32.72 -1.09
C LEU A 133 -11.44 -33.81 -0.73
N GLU A 134 -11.09 -35.05 -1.01
CA GLU A 134 -11.97 -36.18 -0.71
C GLU A 134 -11.33 -37.21 0.22
N ILE A 135 -11.52 -37.01 1.53
CA ILE A 135 -10.98 -37.92 2.55
C ILE A 135 -12.13 -38.76 3.11
N PRO A 136 -12.32 -39.98 2.57
CA PRO A 136 -13.36 -40.94 2.96
C PRO A 136 -13.72 -40.83 4.44
N GLY A 137 -12.72 -40.53 5.25
CA GLY A 137 -12.94 -40.42 6.66
C GLY A 137 -13.64 -39.16 7.13
N LYS A 138 -12.87 -38.13 7.44
CA LYS A 138 -13.40 -36.88 7.98
C LYS A 138 -13.71 -35.68 7.10
N VAL A 139 -13.47 -35.75 5.79
CA VAL A 139 -13.74 -34.56 4.98
C VAL A 139 -14.07 -34.74 3.51
N ARG A 140 -14.82 -33.77 3.00
CA ARG A 140 -15.20 -33.74 1.60
C ARG A 140 -15.49 -32.29 1.22
N LEU A 141 -14.48 -31.63 0.68
CA LEU A 141 -14.61 -30.26 0.24
C LEU A 141 -14.41 -30.40 -1.26
N MET A 142 -15.47 -30.22 -2.04
CA MET A 142 -15.34 -30.37 -3.48
C MET A 142 -15.69 -29.11 -4.24
N GLU A 143 -14.68 -28.38 -4.72
CA GLU A 143 -14.97 -27.18 -5.46
C GLU A 143 -15.54 -27.51 -6.84
N SER A 144 -15.16 -28.68 -7.37
CA SER A 144 -15.64 -29.10 -8.68
C SER A 144 -17.10 -29.55 -8.61
N GLU A 145 -17.73 -29.41 -7.45
CA GLU A 145 -19.13 -29.79 -7.31
C GLU A 145 -20.03 -28.57 -7.45
N PHE A 146 -19.42 -27.39 -7.45
CA PHE A 146 -20.16 -26.14 -7.57
C PHE A 146 -19.61 -25.44 -8.82
N SER A 147 -18.58 -26.04 -9.40
CA SER A 147 -17.93 -25.47 -10.56
C SER A 147 -17.31 -26.49 -11.49
N LYS A 148 -16.62 -25.95 -12.49
CA LYS A 148 -15.98 -26.72 -13.51
C LYS A 148 -14.74 -25.94 -13.91
N ALA A 149 -13.60 -26.61 -13.94
CA ALA A 149 -12.35 -25.96 -14.30
C ALA A 149 -12.31 -25.57 -15.77
N GLY A 150 -11.46 -24.59 -16.09
CA GLY A 150 -11.28 -24.15 -17.46
C GLY A 150 -10.75 -25.25 -18.36
N THR A 151 -10.36 -24.89 -19.57
CA THR A 151 -9.89 -25.88 -20.52
C THR A 151 -8.70 -25.42 -21.35
N GLU A 152 -8.43 -24.12 -21.32
CA GLU A 152 -7.33 -23.58 -22.10
C GLU A 152 -6.47 -22.62 -21.33
N MET A 153 -5.23 -22.48 -21.79
CA MET A 153 -4.31 -21.55 -21.18
C MET A 153 -4.57 -20.22 -21.87
N ILE A 154 -5.01 -19.22 -21.12
CA ILE A 154 -5.26 -17.92 -21.73
C ILE A 154 -4.06 -16.98 -21.52
N PRO A 155 -3.37 -16.64 -22.62
CA PRO A 155 -2.21 -15.75 -22.51
C PRO A 155 -2.62 -14.36 -22.03
N PRO A 156 -1.66 -13.55 -21.55
CA PRO A 156 -1.99 -12.20 -21.06
C PRO A 156 -2.68 -11.26 -22.05
N VAL A 157 -3.50 -10.35 -21.53
CA VAL A 157 -4.24 -9.41 -22.35
C VAL A 157 -3.59 -8.05 -22.27
N ASP A 158 -3.55 -7.34 -23.38
CA ASP A 158 -2.97 -6.02 -23.36
C ASP A 158 -4.06 -5.08 -22.85
N THR A 159 -3.67 -4.18 -21.95
CA THR A 159 -4.59 -3.23 -21.38
C THR A 159 -3.92 -1.85 -21.28
N PRO A 160 -4.70 -0.81 -20.97
CA PRO A 160 -4.03 0.49 -20.87
C PRO A 160 -2.97 0.52 -19.78
N ILE A 161 -3.01 -0.44 -18.85
CA ILE A 161 -2.01 -0.47 -17.78
C ILE A 161 -0.88 -1.49 -18.00
N GLY A 162 -0.91 -2.19 -19.13
CA GLY A 162 0.14 -3.17 -19.44
C GLY A 162 -0.33 -4.57 -19.84
N ARG A 163 0.63 -5.50 -19.97
CA ARG A 163 0.29 -6.89 -20.32
C ARG A 163 -0.19 -7.51 -19.02
N LEU A 164 -1.48 -7.81 -18.96
CA LEU A 164 -2.06 -8.39 -17.77
C LEU A 164 -2.27 -9.90 -17.85
N GLY A 165 -1.56 -10.64 -16.99
CA GLY A 165 -1.71 -12.08 -16.94
C GLY A 165 -2.98 -12.35 -16.13
N LEU A 166 -3.65 -13.46 -16.39
CA LEU A 166 -4.90 -13.74 -15.69
C LEU A 166 -5.00 -15.04 -14.89
N SER A 167 -5.53 -14.94 -13.67
CA SER A 167 -5.70 -16.10 -12.80
C SER A 167 -6.75 -15.79 -11.73
N ILE A 168 -7.06 -16.79 -10.89
CA ILE A 168 -8.04 -16.64 -9.82
C ILE A 168 -7.49 -17.43 -8.62
N CYS A 169 -7.54 -16.83 -7.43
CA CYS A 169 -6.94 -17.39 -6.20
C CYS A 169 -6.10 -18.64 -6.23
N TYR A 170 -6.73 -19.79 -6.03
CA TYR A 170 -6.02 -21.05 -5.96
C TYR A 170 -4.88 -21.14 -7.00
N ASP A 171 -5.03 -20.44 -8.11
CA ASP A 171 -3.98 -20.43 -9.13
C ASP A 171 -2.61 -20.00 -8.57
N VAL A 172 -2.57 -19.14 -7.55
CA VAL A 172 -1.27 -18.71 -7.00
C VAL A 172 -0.39 -19.85 -6.55
N ARG A 173 -0.97 -20.90 -5.99
CA ARG A 173 -0.17 -22.01 -5.48
C ARG A 173 0.66 -22.68 -6.56
N PHE A 174 0.27 -22.50 -7.82
CA PHE A 174 0.98 -23.13 -8.90
C PHE A 174 1.89 -22.18 -9.65
N PRO A 175 3.21 -22.28 -9.42
CA PRO A 175 4.21 -21.43 -10.06
C PRO A 175 4.19 -21.56 -11.57
N GLU A 176 3.99 -22.76 -12.08
CA GLU A 176 3.98 -22.98 -13.53
C GLU A 176 3.13 -21.96 -14.26
N LEU A 177 1.90 -21.79 -13.82
CA LEU A 177 0.97 -20.85 -14.45
C LEU A 177 1.56 -19.43 -14.57
N SER A 178 2.13 -18.92 -13.48
CA SER A 178 2.69 -17.58 -13.50
C SER A 178 3.97 -17.45 -14.31
N LEU A 179 4.87 -18.44 -14.20
CA LEU A 179 6.11 -18.38 -14.96
C LEU A 179 5.74 -18.22 -16.44
N TRP A 180 4.78 -19.01 -16.88
CA TRP A 180 4.31 -18.97 -18.25
C TRP A 180 3.86 -17.57 -18.64
N ASN A 181 2.92 -16.99 -17.89
CA ASN A 181 2.46 -15.65 -18.22
C ASN A 181 3.62 -14.68 -18.36
N ARG A 182 4.57 -14.72 -17.45
CA ARG A 182 5.73 -13.84 -17.55
C ARG A 182 6.45 -14.13 -18.87
N LYS A 183 6.64 -15.39 -19.21
CA LYS A 183 7.30 -15.71 -20.47
C LYS A 183 6.47 -15.25 -21.65
N ARG A 184 5.15 -15.21 -21.49
CA ARG A 184 4.31 -14.77 -22.59
C ARG A 184 4.16 -13.26 -22.63
N GLY A 185 4.99 -12.56 -21.86
CA GLY A 185 4.97 -11.10 -21.89
C GLY A 185 4.27 -10.31 -20.80
N ALA A 186 3.62 -10.99 -19.86
CA ALA A 186 2.91 -10.31 -18.78
C ALA A 186 3.80 -9.35 -18.00
N GLN A 187 3.24 -8.19 -17.64
CA GLN A 187 3.93 -7.16 -16.86
C GLN A 187 3.22 -7.08 -15.52
N LEU A 188 2.02 -7.65 -15.47
CA LEU A 188 1.23 -7.70 -14.24
C LEU A 188 0.56 -9.07 -14.19
N LEU A 189 0.44 -9.63 -13.01
CA LEU A 189 -0.25 -10.89 -12.85
C LEU A 189 -1.42 -10.49 -11.97
N SER A 190 -2.49 -11.25 -12.03
CA SER A 190 -3.65 -10.94 -11.22
C SER A 190 -4.12 -12.17 -10.50
N PHE A 191 -4.59 -11.98 -9.27
CA PHE A 191 -5.08 -13.10 -8.49
C PHE A 191 -6.31 -12.70 -7.70
N PRO A 192 -7.37 -12.30 -8.41
CA PRO A 192 -8.61 -11.90 -7.75
C PRO A 192 -9.04 -13.14 -7.00
N SER A 193 -9.57 -12.98 -5.79
CA SER A 193 -9.98 -14.16 -5.04
C SER A 193 -10.73 -14.02 -3.74
N ALA A 194 -11.08 -15.19 -3.20
CA ALA A 194 -11.80 -15.36 -1.95
C ALA A 194 -11.08 -16.46 -1.18
N PHE A 195 -10.06 -16.06 -0.42
CA PHE A 195 -9.26 -17.00 0.36
C PHE A 195 -9.92 -17.30 1.71
N THR A 196 -9.68 -18.49 2.24
CA THR A 196 -10.24 -18.84 3.55
C THR A 196 -9.47 -18.00 4.56
N LEU A 197 -10.13 -17.61 5.63
CA LEU A 197 -9.48 -16.81 6.66
C LEU A 197 -8.25 -17.54 7.22
N ASN A 198 -8.38 -18.83 7.49
CA ASN A 198 -7.24 -19.57 8.03
C ASN A 198 -6.05 -19.80 7.07
N THR A 199 -6.34 -20.00 5.79
CA THR A 199 -5.29 -20.20 4.81
C THR A 199 -4.68 -18.87 4.34
N GLY A 200 -5.53 -17.85 4.21
CA GLY A 200 -5.04 -16.56 3.77
C GLY A 200 -4.16 -15.93 4.83
N LEU A 201 -4.55 -16.14 6.08
CA LEU A 201 -3.83 -15.62 7.22
C LEU A 201 -2.40 -16.14 7.29
N ALA A 202 -2.11 -17.15 6.46
CA ALA A 202 -0.79 -17.77 6.43
C ALA A 202 -0.04 -17.74 5.07
N HIS A 203 -0.78 -17.76 3.97
CA HIS A 203 -0.14 -17.81 2.66
C HIS A 203 -0.40 -16.65 1.70
N TRP A 204 -1.42 -15.84 2.00
CA TRP A 204 -1.80 -14.74 1.12
C TRP A 204 -0.67 -13.80 0.71
N GLU A 205 -0.13 -13.06 1.67
CA GLU A 205 0.94 -12.12 1.36
C GLU A 205 2.19 -12.76 0.76
N THR A 206 2.69 -13.82 1.40
CA THR A 206 3.90 -14.48 0.91
C THR A 206 3.78 -14.94 -0.54
N LEU A 207 2.69 -15.64 -0.86
CA LEU A 207 2.52 -16.15 -2.22
C LEU A 207 2.38 -15.04 -3.25
N LEU A 208 1.53 -14.07 -2.98
CA LEU A 208 1.35 -12.96 -3.92
C LEU A 208 2.69 -12.25 -4.15
N ARG A 209 3.41 -11.96 -3.08
CA ARG A 209 4.69 -11.29 -3.17
C ARG A 209 5.74 -12.15 -3.87
N ALA A 210 5.71 -13.44 -3.61
CA ALA A 210 6.66 -14.35 -4.22
C ALA A 210 6.45 -14.33 -5.74
N ARG A 211 5.21 -14.47 -6.19
CA ARG A 211 4.91 -14.45 -7.63
C ARG A 211 5.41 -13.16 -8.26
N ALA A 212 5.30 -12.06 -7.52
CA ALA A 212 5.75 -10.77 -7.99
C ALA A 212 7.25 -10.82 -8.22
N ILE A 213 7.98 -11.14 -7.17
CA ILE A 213 9.43 -11.21 -7.21
C ILE A 213 10.00 -12.16 -8.26
N GLU A 214 9.59 -13.43 -8.20
CA GLU A 214 10.12 -14.43 -9.13
C GLU A 214 9.73 -14.22 -10.59
N ASN A 215 8.67 -13.45 -10.84
CA ASN A 215 8.26 -13.19 -12.21
C ASN A 215 8.50 -11.75 -12.63
N GLN A 216 8.84 -10.91 -11.65
CA GLN A 216 9.13 -9.49 -11.90
C GLN A 216 7.96 -8.82 -12.60
N CYS A 217 6.81 -8.90 -11.94
CA CYS A 217 5.57 -8.32 -12.41
C CYS A 217 4.83 -7.74 -11.22
N TYR A 218 3.95 -6.79 -11.48
CA TYR A 218 3.16 -6.26 -10.41
C TYR A 218 2.14 -7.37 -10.22
N VAL A 219 1.56 -7.44 -9.05
CA VAL A 219 0.53 -8.45 -8.80
C VAL A 219 -0.65 -7.69 -8.24
N VAL A 220 -1.80 -7.87 -8.87
CA VAL A 220 -3.01 -7.18 -8.46
C VAL A 220 -3.99 -8.22 -7.95
N ALA A 221 -4.40 -8.12 -6.69
CA ALA A 221 -5.31 -9.13 -6.15
C ALA A 221 -6.43 -8.59 -5.29
N ALA A 222 -7.56 -8.28 -5.93
CA ALA A 222 -8.74 -7.81 -5.20
C ALA A 222 -9.28 -9.06 -4.53
N ALA A 223 -9.72 -8.93 -3.28
CA ALA A 223 -10.22 -10.10 -2.56
C ALA A 223 -11.52 -9.95 -1.77
N GLN A 224 -12.09 -11.09 -1.42
CA GLN A 224 -13.29 -11.13 -0.60
C GLN A 224 -12.76 -11.04 0.83
N THR A 225 -13.57 -10.53 1.75
CA THR A 225 -13.14 -10.46 3.13
C THR A 225 -14.38 -10.54 4.02
N GLY A 226 -14.18 -10.84 5.28
CA GLY A 226 -15.29 -10.91 6.20
C GLY A 226 -16.15 -12.15 6.12
N ALA A 227 -17.26 -12.10 6.87
CA ALA A 227 -18.21 -13.19 6.93
C ALA A 227 -19.28 -13.09 5.85
N HIS A 228 -19.33 -14.09 4.97
CA HIS A 228 -20.30 -14.13 3.87
C HIS A 228 -21.61 -14.68 4.38
N ASN A 229 -21.50 -15.75 5.18
CA ASN A 229 -22.64 -16.41 5.78
C ASN A 229 -22.11 -17.15 7.01
N PRO A 230 -23.01 -17.72 7.82
CA PRO A 230 -22.61 -18.45 9.02
C PRO A 230 -21.41 -19.40 8.91
N LYS A 231 -21.21 -20.02 7.75
CA LYS A 231 -20.08 -20.95 7.64
C LYS A 231 -19.15 -20.71 6.47
N ARG A 232 -18.89 -19.44 6.18
CA ARG A 232 -18.01 -19.06 5.09
C ARG A 232 -17.34 -17.74 5.44
N GLN A 233 -16.01 -17.76 5.51
CA GLN A 233 -15.22 -16.58 5.86
C GLN A 233 -14.08 -16.38 4.85
N SER A 234 -13.65 -15.14 4.67
CA SER A 234 -12.56 -14.83 3.73
C SER A 234 -11.50 -13.95 4.38
N TYR A 235 -10.26 -14.12 3.94
CA TYR A 235 -9.14 -13.38 4.53
C TYR A 235 -9.07 -11.89 4.25
N GLY A 236 -9.36 -11.50 3.01
CA GLY A 236 -9.31 -10.09 2.66
C GLY A 236 -7.90 -9.65 2.30
N HIS A 237 -7.49 -8.51 2.83
CA HIS A 237 -6.17 -7.95 2.58
C HIS A 237 -5.89 -7.73 1.09
N SER A 238 -6.87 -7.20 0.35
CA SER A 238 -6.72 -6.94 -1.08
C SER A 238 -5.51 -6.05 -1.25
N MET A 239 -4.66 -6.33 -2.23
CA MET A 239 -3.47 -5.51 -2.38
C MET A 239 -2.88 -5.42 -3.78
N VAL A 240 -1.80 -4.67 -3.89
CA VAL A 240 -1.06 -4.50 -5.13
C VAL A 240 0.41 -4.64 -4.75
N VAL A 241 1.12 -5.58 -5.35
CA VAL A 241 2.54 -5.79 -5.09
C VAL A 241 3.37 -5.36 -6.31
N ASP A 242 4.50 -4.68 -6.10
CA ASP A 242 5.30 -4.26 -7.24
C ASP A 242 6.26 -5.36 -7.72
N PRO A 243 6.98 -5.13 -8.83
CA PRO A 243 7.93 -6.11 -9.39
C PRO A 243 9.10 -6.47 -8.48
N TRP A 244 9.24 -5.79 -7.35
CA TRP A 244 10.33 -6.06 -6.44
C TRP A 244 9.74 -6.74 -5.20
N GLY A 245 8.43 -6.97 -5.23
CA GLY A 245 7.76 -7.63 -4.12
C GLY A 245 7.21 -6.76 -3.00
N ALA A 246 7.20 -5.45 -3.20
CA ALA A 246 6.69 -4.54 -2.19
C ALA A 246 5.18 -4.40 -2.29
N VAL A 247 4.50 -4.45 -1.14
CA VAL A 247 3.05 -4.28 -1.13
C VAL A 247 2.81 -2.76 -1.13
N VAL A 248 2.59 -2.21 -2.32
CA VAL A 248 2.38 -0.77 -2.52
C VAL A 248 0.99 -0.21 -2.18
N ALA A 249 0.00 -1.09 -2.09
CA ALA A 249 -1.35 -0.65 -1.74
C ALA A 249 -2.12 -1.83 -1.18
N GLN A 250 -3.00 -1.58 -0.21
CA GLN A 250 -3.78 -2.64 0.38
C GLN A 250 -5.03 -2.04 1.01
N CYS A 251 -6.15 -2.73 0.85
CA CYS A 251 -7.40 -2.22 1.41
C CYS A 251 -7.40 -2.39 2.91
N SER A 252 -8.18 -1.56 3.60
CA SER A 252 -8.28 -1.65 5.05
C SER A 252 -9.24 -2.80 5.34
N GLU A 253 -9.31 -3.25 6.58
CA GLU A 253 -10.21 -4.36 6.91
C GLU A 253 -11.68 -3.98 6.84
N ARG A 254 -12.21 -3.99 5.63
CA ARG A 254 -13.59 -3.65 5.41
C ARG A 254 -13.90 -3.63 3.93
N VAL A 255 -15.17 -3.41 3.60
CA VAL A 255 -15.59 -3.35 2.21
C VAL A 255 -15.16 -2.00 1.67
N ASP A 256 -13.99 -1.97 1.03
CA ASP A 256 -13.47 -0.72 0.51
C ASP A 256 -12.42 -0.96 -0.57
N MET A 257 -11.78 0.13 -0.99
CA MET A 257 -10.76 0.05 -2.01
C MET A 257 -9.46 0.73 -1.61
N CYS A 258 -8.42 0.53 -2.43
CA CYS A 258 -7.11 1.12 -2.22
C CYS A 258 -6.63 1.56 -3.59
N PHE A 259 -5.64 2.45 -3.62
CA PHE A 259 -5.13 2.99 -4.88
C PHE A 259 -3.65 2.83 -5.05
N ALA A 260 -3.22 2.59 -6.29
CA ALA A 260 -1.80 2.44 -6.59
C ALA A 260 -1.49 2.94 -7.99
N GLU A 261 -0.33 3.56 -8.13
CA GLU A 261 0.10 4.04 -9.43
C GLU A 261 1.17 3.04 -9.84
N ILE A 262 0.94 2.31 -10.91
CA ILE A 262 1.94 1.34 -11.32
C ILE A 262 2.85 1.98 -12.37
N ASP A 263 4.08 1.52 -12.44
CA ASP A 263 5.02 2.07 -13.41
C ASP A 263 5.71 0.97 -14.22
N LEU A 264 5.35 0.86 -15.49
CA LEU A 264 5.93 -0.15 -16.35
C LEU A 264 7.43 0.03 -16.55
N SER A 265 7.93 1.25 -16.32
CA SER A 265 9.35 1.55 -16.43
C SER A 265 10.10 0.74 -15.38
N TYR A 266 9.55 0.75 -14.18
CA TYR A 266 10.15 0.04 -13.06
C TYR A 266 10.32 -1.44 -13.39
N VAL A 267 9.27 -2.04 -13.97
CA VAL A 267 9.32 -3.45 -14.34
C VAL A 267 10.54 -3.62 -15.23
N ASP A 268 10.58 -2.87 -16.32
CA ASP A 268 11.70 -2.92 -17.25
C ASP A 268 13.05 -2.82 -16.55
N THR A 269 13.23 -1.77 -15.76
CA THR A 269 14.48 -1.57 -15.05
C THR A 269 14.93 -2.81 -14.29
N LEU A 270 14.00 -3.45 -13.58
CA LEU A 270 14.31 -4.64 -12.80
C LEU A 270 14.70 -5.78 -13.72
N ARG A 271 13.91 -5.98 -14.77
CA ARG A 271 14.15 -7.05 -15.75
C ARG A 271 15.56 -6.94 -16.31
N GLU A 272 16.13 -5.76 -16.24
CA GLU A 272 17.46 -5.52 -16.77
C GLU A 272 18.58 -5.68 -15.76
N MET A 273 18.38 -5.21 -14.53
CA MET A 273 19.43 -5.33 -13.52
C MET A 273 19.43 -6.70 -12.85
N GLN A 274 18.35 -7.45 -13.07
CA GLN A 274 18.22 -8.80 -12.51
C GLN A 274 17.64 -9.69 -13.62
N PRO A 275 18.44 -10.00 -14.66
CA PRO A 275 17.98 -10.84 -15.78
C PRO A 275 17.74 -12.30 -15.42
N VAL A 276 16.98 -12.51 -14.35
CA VAL A 276 16.67 -13.84 -13.85
C VAL A 276 16.29 -14.83 -14.96
N PHE A 277 15.38 -14.42 -15.84
CA PHE A 277 14.93 -15.30 -16.91
C PHE A 277 15.95 -15.64 -17.98
N SER A 278 17.13 -15.00 -17.93
CA SER A 278 18.17 -15.31 -18.89
C SER A 278 19.07 -16.34 -18.24
N HIS A 279 18.82 -16.59 -16.96
CA HIS A 279 19.61 -17.52 -16.15
C HIS A 279 19.01 -18.91 -15.93
N ARG A 280 17.83 -19.17 -16.49
CA ARG A 280 17.19 -20.49 -16.31
C ARG A 280 17.95 -21.58 -17.03
N ARG A 281 18.01 -22.74 -16.40
CA ARG A 281 18.71 -23.89 -16.96
C ARG A 281 17.87 -24.69 -17.92
N SER A 282 17.59 -24.08 -19.06
CA SER A 282 16.80 -24.71 -20.12
C SER A 282 17.35 -26.06 -20.51
N ASP A 283 18.62 -26.28 -20.21
CA ASP A 283 19.27 -27.54 -20.54
C ASP A 283 18.97 -28.64 -19.52
N LEU A 284 18.55 -28.25 -18.32
CA LEU A 284 18.25 -29.23 -17.29
C LEU A 284 16.74 -29.40 -17.13
N TYR A 285 15.99 -28.30 -17.17
CA TYR A 285 14.54 -28.41 -17.03
C TYR A 285 13.82 -27.53 -18.03
N THR A 286 12.62 -27.99 -18.39
CA THR A 286 11.79 -27.28 -19.35
C THR A 286 10.35 -27.27 -18.87
N LEU A 287 9.72 -26.09 -18.95
CA LEU A 287 8.34 -25.92 -18.55
C LEU A 287 7.58 -25.90 -19.86
N HIS A 288 6.92 -27.01 -20.19
CA HIS A 288 6.15 -27.08 -21.42
C HIS A 288 4.70 -26.70 -21.16
N ILE A 289 4.10 -25.95 -22.08
CA ILE A 289 2.69 -25.53 -21.95
C ILE A 289 1.91 -25.77 -23.23
N ASN A 290 0.74 -26.40 -23.10
CA ASN A 290 -0.10 -26.65 -24.27
C ASN A 290 -0.86 -25.36 -24.61
N GLU A 291 -0.49 -24.76 -25.73
CA GLU A 291 -1.10 -23.51 -26.18
C GLU A 291 -1.35 -23.55 -27.68
N LYS A 292 -2.58 -23.25 -28.09
CA LYS A 292 -2.90 -23.23 -29.50
C LYS A 292 -2.71 -21.81 -29.99
N SER A 293 -1.85 -21.62 -30.98
CA SER A 293 -1.60 -20.29 -31.53
C SER A 293 -2.62 -19.92 -32.59
N SER A 294 -2.82 -18.61 -32.73
CA SER A 294 -3.74 -18.06 -33.74
C SER A 294 -2.79 -17.36 -34.70
N GLU A 295 -2.97 -17.53 -36.00
CA GLU A 295 -2.06 -16.89 -36.93
C GLU A 295 -2.61 -16.32 -38.23
N THR A 296 -2.10 -15.16 -38.58
CA THR A 296 -2.49 -14.48 -39.81
C THR A 296 -2.09 -15.37 -41.00
N GLY A 297 -1.16 -16.28 -40.75
CA GLY A 297 -0.71 -17.18 -41.79
C GLY A 297 0.79 -17.26 -41.87
N GLY A 298 1.30 -17.47 -43.09
CA GLY A 298 2.73 -17.54 -43.26
C GLY A 298 3.35 -18.84 -42.83
N LEU A 299 4.58 -18.76 -42.30
CA LEU A 299 5.37 -19.90 -41.82
C LEU A 299 6.18 -20.62 -42.89
N LYS A 300 7.49 -20.62 -42.71
CA LYS A 300 8.42 -21.26 -43.62
C LYS A 300 8.75 -22.68 -43.23
N PHE A 301 8.98 -23.48 -44.26
CA PHE A 301 9.36 -24.87 -44.13
C PHE A 301 10.58 -24.86 -45.05
N ALA A 302 11.77 -24.79 -44.46
CA ALA A 302 12.99 -24.69 -45.25
C ALA A 302 12.81 -23.37 -46.01
N ARG A 303 13.12 -23.34 -47.29
CA ARG A 303 12.94 -22.09 -48.00
C ARG A 303 11.51 -21.97 -48.54
N PHE A 304 10.69 -22.99 -48.26
CA PHE A 304 9.30 -23.01 -48.71
C PHE A 304 8.36 -22.14 -47.89
N ASN A 305 7.37 -21.58 -48.55
CA ASN A 305 6.38 -20.77 -47.86
C ASN A 305 5.09 -21.56 -47.78
N ILE A 306 4.79 -22.09 -46.61
CA ILE A 306 3.56 -22.85 -46.43
C ILE A 306 2.44 -21.85 -46.19
N PRO A 307 1.47 -21.79 -47.11
CA PRO A 307 0.36 -20.83 -46.91
C PRO A 307 -0.49 -21.24 -45.71
N ALA A 308 -1.11 -20.25 -45.08
CA ALA A 308 -1.96 -20.54 -43.93
C ALA A 308 -3.04 -21.56 -44.30
N ASP A 309 -3.55 -21.49 -45.53
CA ASP A 309 -4.59 -22.41 -46.01
C ASP A 309 -4.26 -23.86 -45.71
N HIS A 310 -2.96 -24.15 -45.68
CA HIS A 310 -2.48 -25.50 -45.46
C HIS A 310 -2.07 -25.81 -44.03
N ILE A 311 -2.02 -24.78 -43.19
CA ILE A 311 -1.62 -24.95 -41.80
C ILE A 311 -2.88 -25.06 -40.95
N PHE A 312 -3.08 -26.20 -40.29
CA PHE A 312 -4.28 -26.37 -39.46
C PHE A 312 -4.08 -26.37 -37.95
N TYR A 313 -2.83 -26.32 -37.50
CA TYR A 313 -2.55 -26.26 -36.07
C TYR A 313 -1.17 -25.67 -35.86
N SER A 314 -1.04 -24.84 -34.83
CA SER A 314 0.23 -24.22 -34.54
C SER A 314 0.30 -23.77 -33.08
N THR A 315 1.50 -23.79 -32.53
CA THR A 315 1.73 -23.38 -31.16
C THR A 315 2.90 -22.42 -31.23
N PRO A 316 3.29 -21.82 -30.10
CA PRO A 316 4.41 -20.90 -30.15
C PRO A 316 5.67 -21.56 -30.70
N HIS A 317 5.78 -22.88 -30.58
CA HIS A 317 6.97 -23.60 -31.04
C HIS A 317 6.83 -24.40 -32.32
N SER A 318 5.62 -24.82 -32.66
CA SER A 318 5.43 -25.66 -33.84
C SER A 318 4.19 -25.36 -34.70
N PHE A 319 4.13 -26.02 -35.85
CA PHE A 319 2.99 -25.90 -36.74
C PHE A 319 2.87 -27.20 -37.53
N VAL A 320 1.65 -27.52 -37.94
CA VAL A 320 1.34 -28.76 -38.66
C VAL A 320 0.68 -28.37 -39.98
N PHE A 321 1.03 -29.06 -41.06
CA PHE A 321 0.42 -28.72 -42.36
C PHE A 321 0.12 -29.91 -43.27
N VAL A 322 -0.86 -29.74 -44.16
CA VAL A 322 -1.22 -30.82 -45.09
C VAL A 322 -0.12 -31.02 -46.14
N ASN A 323 -0.13 -32.18 -46.77
CA ASN A 323 0.90 -32.52 -47.74
C ASN A 323 0.47 -32.46 -49.21
N LEU A 324 1.29 -31.86 -50.06
CA LEU A 324 1.01 -31.76 -51.49
C LEU A 324 1.06 -33.15 -52.13
N LYS A 325 2.03 -33.96 -51.69
CA LYS A 325 2.19 -35.32 -52.19
C LYS A 325 2.15 -36.33 -51.03
N PRO A 326 0.97 -36.50 -50.41
CA PRO A 326 0.86 -37.45 -49.30
C PRO A 326 0.99 -38.89 -49.73
N VAL A 327 1.70 -39.67 -48.93
CA VAL A 327 1.92 -41.09 -49.19
C VAL A 327 0.66 -41.87 -48.84
N THR A 328 -0.27 -41.21 -48.16
CA THR A 328 -1.50 -41.87 -47.76
C THR A 328 -2.46 -40.83 -47.17
N ASP A 329 -3.76 -41.12 -47.23
CA ASP A 329 -4.76 -40.20 -46.69
C ASP A 329 -4.45 -39.88 -45.25
N GLY A 330 -4.22 -38.60 -44.96
CA GLY A 330 -3.93 -38.20 -43.60
C GLY A 330 -2.49 -37.86 -43.34
N HIS A 331 -1.63 -38.14 -44.32
CA HIS A 331 -0.22 -37.85 -44.20
C HIS A 331 0.01 -36.33 -44.02
N VAL A 332 0.27 -35.91 -42.79
CA VAL A 332 0.51 -34.50 -42.53
C VAL A 332 1.92 -34.34 -41.96
N LEU A 333 2.34 -33.11 -41.74
CA LEU A 333 3.68 -32.85 -41.22
C LEU A 333 3.69 -31.91 -40.02
N VAL A 334 4.55 -32.23 -39.04
CA VAL A 334 4.67 -31.41 -37.85
C VAL A 334 6.09 -30.85 -37.92
N SER A 335 6.22 -29.53 -37.75
CA SER A 335 7.53 -28.89 -37.81
C SER A 335 7.69 -27.76 -36.81
N PRO A 336 8.93 -27.52 -36.38
CA PRO A 336 9.18 -26.43 -35.42
C PRO A 336 9.17 -25.14 -36.25
N LYS A 337 8.78 -24.03 -35.64
CA LYS A 337 8.77 -22.78 -36.38
C LYS A 337 10.19 -22.33 -36.68
N ARG A 338 11.10 -22.59 -35.74
CA ARG A 338 12.47 -22.22 -35.98
C ARG A 338 12.95 -23.15 -37.09
N VAL A 339 13.53 -22.58 -38.14
CA VAL A 339 13.98 -23.38 -39.25
C VAL A 339 15.33 -24.02 -39.05
N VAL A 340 15.35 -25.26 -38.57
CA VAL A 340 16.60 -26.01 -38.37
C VAL A 340 16.40 -27.38 -38.95
N PRO A 341 17.47 -27.99 -39.46
CA PRO A 341 17.33 -29.33 -40.05
C PRO A 341 17.35 -30.55 -39.14
N ARG A 342 18.22 -30.58 -38.14
CA ARG A 342 18.33 -31.75 -37.24
C ARG A 342 17.42 -31.80 -36.00
N LEU A 343 17.02 -32.99 -35.61
CA LEU A 343 16.21 -33.19 -34.42
C LEU A 343 17.09 -32.82 -33.23
N THR A 344 18.40 -32.97 -33.42
CA THR A 344 19.39 -32.65 -32.40
C THR A 344 19.64 -31.15 -32.33
N ASP A 345 19.02 -30.39 -33.23
CA ASP A 345 19.17 -28.91 -33.25
C ASP A 345 18.11 -28.31 -32.36
N LEU A 346 17.06 -29.07 -32.06
CA LEU A 346 15.97 -28.57 -31.25
C LEU A 346 16.31 -28.46 -29.77
N THR A 347 15.65 -27.52 -29.10
CA THR A 347 15.83 -27.32 -27.68
C THR A 347 14.81 -28.25 -26.99
N ASP A 348 15.08 -28.65 -25.75
CA ASP A 348 14.13 -29.52 -25.07
C ASP A 348 12.71 -28.97 -25.18
N ALA A 349 12.59 -27.65 -25.13
CA ALA A 349 11.28 -27.02 -25.23
C ALA A 349 10.64 -27.34 -26.58
N GLU A 350 11.44 -27.26 -27.64
CA GLU A 350 10.93 -27.55 -28.98
C GLU A 350 10.67 -29.04 -29.18
N THR A 351 11.52 -29.89 -28.63
CA THR A 351 11.33 -31.32 -28.79
C THR A 351 10.05 -31.73 -28.08
N ALA A 352 9.85 -31.26 -26.86
CA ALA A 352 8.66 -31.60 -26.12
C ALA A 352 7.38 -31.20 -26.88
N ASP A 353 7.35 -29.97 -27.34
CA ASP A 353 6.19 -29.46 -28.05
C ASP A 353 5.93 -30.20 -29.36
N LEU A 354 6.97 -30.35 -30.16
CA LEU A 354 6.87 -31.01 -31.46
C LEU A 354 6.21 -32.39 -31.36
N PHE A 355 6.59 -33.19 -30.38
CA PHE A 355 6.01 -34.52 -30.24
C PHE A 355 4.71 -34.57 -29.44
N ILE A 356 4.50 -33.58 -28.58
CA ILE A 356 3.25 -33.54 -27.84
C ILE A 356 2.20 -33.11 -28.87
N VAL A 357 2.60 -32.28 -29.82
CA VAL A 357 1.70 -31.86 -30.88
C VAL A 357 1.45 -33.05 -31.80
N ALA A 358 2.50 -33.83 -32.07
CA ALA A 358 2.37 -35.00 -32.91
C ALA A 358 1.35 -35.93 -32.24
N LYS A 359 1.38 -35.97 -30.92
CA LYS A 359 0.47 -36.82 -30.16
C LYS A 359 -0.97 -36.41 -30.39
N LYS A 360 -1.21 -35.10 -30.40
CA LYS A 360 -2.55 -34.53 -30.62
C LYS A 360 -3.03 -34.74 -32.04
N VAL A 361 -2.13 -34.55 -33.01
CA VAL A 361 -2.49 -34.76 -34.42
C VAL A 361 -2.79 -36.24 -34.64
N GLN A 362 -1.95 -37.11 -34.10
CA GLN A 362 -2.18 -38.54 -34.27
C GLN A 362 -3.60 -38.89 -33.86
N ALA A 363 -4.00 -38.48 -32.66
CA ALA A 363 -5.33 -38.76 -32.15
C ALA A 363 -6.42 -38.18 -33.07
N MET A 364 -6.24 -36.93 -33.48
CA MET A 364 -7.20 -36.27 -34.35
C MET A 364 -7.36 -37.04 -35.66
N LEU A 365 -6.24 -37.35 -36.31
CA LEU A 365 -6.29 -38.07 -37.57
C LEU A 365 -6.90 -39.47 -37.45
N GLU A 366 -6.57 -40.21 -36.40
CA GLU A 366 -7.11 -41.55 -36.24
C GLU A 366 -8.62 -41.54 -36.05
N LYS A 367 -9.12 -40.56 -35.31
CA LYS A 367 -10.54 -40.47 -35.09
C LYS A 367 -11.23 -40.06 -36.38
N HIS A 368 -10.64 -39.11 -37.09
CA HIS A 368 -11.25 -38.64 -38.35
C HIS A 368 -11.26 -39.67 -39.45
N HIS A 369 -10.10 -40.24 -39.75
CA HIS A 369 -9.98 -41.24 -40.80
C HIS A 369 -10.44 -42.59 -40.30
N ASN A 370 -10.79 -42.63 -39.02
CA ASN A 370 -11.25 -43.85 -38.39
C ASN A 370 -10.31 -45.05 -38.62
N VAL A 371 -9.09 -44.93 -38.11
CA VAL A 371 -8.09 -45.99 -38.20
C VAL A 371 -7.63 -46.18 -36.76
N THR A 372 -6.86 -47.23 -36.53
CA THR A 372 -6.37 -47.51 -35.17
C THR A 372 -4.84 -47.63 -35.10
N SER A 373 -4.17 -47.42 -36.22
CA SER A 373 -2.72 -47.50 -36.29
C SER A 373 -2.14 -46.25 -36.94
N THR A 374 -0.91 -45.89 -36.54
CA THR A 374 -0.22 -44.73 -37.08
C THR A 374 1.29 -44.96 -37.05
N THR A 375 1.97 -44.49 -38.09
CA THR A 375 3.42 -44.59 -38.19
C THR A 375 3.96 -43.18 -38.05
N ILE A 376 4.89 -42.97 -37.13
CA ILE A 376 5.51 -41.65 -36.94
C ILE A 376 6.94 -41.83 -37.48
N CYS A 377 7.34 -40.98 -38.42
CA CYS A 377 8.65 -41.10 -39.05
C CYS A 377 9.38 -39.75 -39.18
N VAL A 378 10.67 -39.76 -38.88
CA VAL A 378 11.48 -38.55 -39.01
C VAL A 378 12.80 -38.91 -39.66
N GLN A 379 13.09 -38.28 -40.79
CA GLN A 379 14.33 -38.52 -41.52
C GLN A 379 15.26 -37.36 -41.25
N ASP A 380 16.30 -37.59 -40.45
CA ASP A 380 17.21 -36.52 -40.13
C ASP A 380 18.58 -36.73 -40.79
N GLY A 381 18.80 -36.07 -41.93
CA GLY A 381 20.07 -36.22 -42.61
C GLY A 381 19.93 -36.71 -44.04
N LYS A 382 20.97 -36.46 -44.84
CA LYS A 382 20.99 -36.85 -46.24
C LYS A 382 20.77 -38.34 -46.38
N ASP A 383 21.51 -39.12 -45.57
CA ASP A 383 21.44 -40.57 -45.64
C ASP A 383 20.17 -41.20 -45.05
N ALA A 384 19.32 -40.38 -44.45
CA ALA A 384 18.07 -40.89 -43.87
C ALA A 384 16.93 -40.52 -44.81
N GLY A 385 17.28 -39.97 -45.97
CA GLY A 385 16.29 -39.58 -46.96
C GLY A 385 15.68 -38.20 -46.80
N GLN A 386 16.16 -37.41 -45.85
CA GLN A 386 15.58 -36.08 -45.65
C GLN A 386 15.65 -35.25 -46.94
N THR A 387 14.50 -34.77 -47.40
CA THR A 387 14.44 -33.98 -48.63
C THR A 387 14.60 -32.48 -48.44
N VAL A 388 14.08 -31.93 -47.33
CA VAL A 388 14.25 -30.50 -47.10
C VAL A 388 14.94 -30.29 -45.75
N PRO A 389 15.88 -29.34 -45.68
CA PRO A 389 16.65 -29.01 -44.46
C PRO A 389 15.86 -28.35 -43.33
N HIS A 390 14.74 -28.94 -42.96
CA HIS A 390 13.91 -28.41 -41.87
C HIS A 390 13.22 -29.59 -41.22
N VAL A 391 13.43 -29.74 -39.91
CA VAL A 391 12.82 -30.85 -39.18
C VAL A 391 11.33 -30.97 -39.45
N HIS A 392 10.89 -32.16 -39.80
CA HIS A 392 9.48 -32.39 -40.01
C HIS A 392 9.16 -33.84 -39.65
N ILE A 393 8.11 -34.03 -38.88
CA ILE A 393 7.68 -35.37 -38.48
C ILE A 393 6.57 -35.79 -39.43
N HIS A 394 6.72 -36.97 -40.01
CA HIS A 394 5.70 -37.51 -40.89
C HIS A 394 4.72 -38.20 -39.95
N ILE A 395 3.42 -37.98 -40.15
CA ILE A 395 2.42 -38.64 -39.34
C ILE A 395 1.52 -39.38 -40.32
N LEU A 396 1.72 -40.69 -40.42
CA LEU A 396 1.00 -41.53 -41.37
C LEU A 396 -0.07 -42.46 -40.82
N PRO A 397 -1.36 -42.13 -41.02
CA PRO A 397 -2.39 -43.03 -40.52
C PRO A 397 -2.24 -44.35 -41.30
N ARG A 398 -2.55 -45.49 -40.70
CA ARG A 398 -2.39 -46.74 -41.41
C ARG A 398 -3.67 -47.58 -41.53
N ARG A 399 -3.79 -48.28 -42.66
CA ARG A 399 -4.92 -49.16 -42.94
C ARG A 399 -4.37 -50.55 -43.26
N ALA A 400 -5.25 -51.54 -43.32
CA ALA A 400 -4.84 -52.89 -43.65
C ALA A 400 -4.35 -52.94 -45.09
N GLY A 401 -5.06 -52.27 -46.00
CA GLY A 401 -4.62 -52.26 -47.38
C GLY A 401 -3.23 -51.67 -47.37
N ASP A 402 -3.19 -50.36 -47.15
CA ASP A 402 -1.97 -49.56 -47.04
C ASP A 402 -0.80 -49.81 -47.99
N PHE A 403 0.02 -48.77 -48.16
CA PHE A 403 1.19 -48.81 -49.03
C PHE A 403 2.27 -49.79 -48.57
N PRO A 423 -0.12 -34.94 -57.24
CA PRO A 423 0.34 -33.72 -56.58
C PRO A 423 -0.74 -32.93 -55.86
N ARG A 424 -1.98 -33.36 -55.94
CA ARG A 424 -3.08 -32.67 -55.24
C ARG A 424 -3.23 -31.20 -55.60
N SER A 425 -4.48 -30.78 -55.70
CA SER A 425 -4.81 -29.43 -56.05
C SER A 425 -4.87 -28.58 -54.80
N ASN A 426 -4.62 -27.28 -54.96
CA ASN A 426 -4.67 -26.38 -53.83
C ASN A 426 -6.03 -26.49 -53.15
N GLU A 427 -7.08 -26.72 -53.93
CA GLU A 427 -8.42 -26.82 -53.37
C GLU A 427 -8.55 -28.00 -52.41
N GLN A 428 -8.05 -29.17 -52.82
CA GLN A 428 -8.11 -30.36 -51.99
C GLN A 428 -7.40 -30.13 -50.66
N MET A 429 -6.18 -29.59 -50.76
CA MET A 429 -5.36 -29.32 -49.59
C MET A 429 -6.02 -28.34 -48.63
N ALA A 430 -6.53 -27.23 -49.16
CA ALA A 430 -7.16 -26.23 -48.32
C ALA A 430 -8.35 -26.80 -47.58
N GLU A 431 -9.12 -27.64 -48.26
CA GLU A 431 -10.31 -28.24 -47.67
C GLU A 431 -9.92 -29.17 -46.54
N GLU A 432 -9.01 -30.10 -46.83
CA GLU A 432 -8.54 -31.05 -45.82
C GLU A 432 -8.06 -30.30 -44.58
N ALA A 433 -7.36 -29.18 -44.79
CA ALA A 433 -6.85 -28.37 -43.69
C ALA A 433 -8.01 -27.76 -42.88
N VAL A 434 -9.06 -27.34 -43.58
CA VAL A 434 -10.21 -26.76 -42.90
C VAL A 434 -10.82 -27.83 -42.02
N VAL A 435 -10.96 -29.04 -42.55
CA VAL A 435 -11.53 -30.14 -41.79
C VAL A 435 -10.72 -30.39 -40.52
N TYR A 436 -9.43 -30.67 -40.67
CA TYR A 436 -8.56 -30.93 -39.53
C TYR A 436 -8.55 -29.77 -38.55
N ARG A 437 -8.43 -28.54 -39.06
CA ARG A 437 -8.38 -27.36 -38.21
C ARG A 437 -9.54 -27.28 -37.21
N ASN A 438 -10.70 -27.77 -37.60
CA ASN A 438 -11.89 -27.72 -36.74
C ASN A 438 -12.02 -28.94 -35.85
N LEU A 439 -11.05 -29.84 -35.90
CA LEU A 439 -11.05 -31.04 -35.08
C LEU A 439 -9.92 -30.96 -34.05
N MET A 440 -9.10 -29.91 -34.15
CA MET A 440 -7.99 -29.70 -33.23
C MET A 440 -8.41 -28.66 -32.17
N MET B 10 -14.31 20.72 11.97
CA MET B 10 -12.98 20.09 11.69
C MET B 10 -13.06 18.93 10.69
N ALA B 11 -11.91 18.54 10.14
CA ALA B 11 -11.85 17.47 9.16
C ALA B 11 -12.66 16.22 9.52
N THR B 12 -13.31 15.65 8.52
CA THR B 12 -14.14 14.46 8.71
C THR B 12 -14.19 13.72 7.37
N GLY B 13 -14.57 12.44 7.39
CA GLY B 13 -14.68 11.67 6.16
C GLY B 13 -13.43 11.11 5.48
N ARG B 14 -13.50 10.95 4.16
CA ARG B 14 -12.37 10.43 3.40
C ARG B 14 -11.49 11.54 2.88
N HIS B 15 -10.19 11.27 2.81
CA HIS B 15 -9.24 12.24 2.33
C HIS B 15 -8.12 11.53 1.59
N PHE B 16 -7.78 12.07 0.42
CA PHE B 16 -6.78 11.49 -0.44
C PHE B 16 -5.43 12.19 -0.21
N ILE B 17 -4.38 11.41 0.04
CA ILE B 17 -3.06 11.97 0.29
C ILE B 17 -1.94 11.20 -0.42
N ALA B 18 -0.81 11.87 -0.63
CA ALA B 18 0.34 11.28 -1.29
C ALA B 18 1.60 11.40 -0.43
N VAL B 19 2.37 10.31 -0.33
CA VAL B 19 3.59 10.28 0.44
C VAL B 19 4.80 10.24 -0.48
N CYS B 20 5.75 11.14 -0.26
CA CYS B 20 6.94 11.21 -1.10
C CYS B 20 8.17 10.57 -0.50
N GLN B 21 8.90 9.85 -1.35
CA GLN B 21 10.14 9.19 -0.95
C GLN B 21 11.24 9.74 -1.82
N MET B 22 12.35 10.11 -1.20
CA MET B 22 13.46 10.61 -1.99
C MET B 22 14.80 10.30 -1.40
N THR B 23 15.83 10.52 -2.20
CA THR B 23 17.19 10.30 -1.74
C THR B 23 17.91 11.63 -1.93
N SER B 24 17.80 12.48 -0.92
CA SER B 24 18.41 13.80 -0.96
C SER B 24 19.93 13.83 -1.00
N ASP B 25 20.44 14.78 -1.79
CA ASP B 25 21.86 15.05 -2.02
C ASP B 25 22.29 16.19 -1.10
N ASN B 26 23.36 16.85 -1.54
CA ASN B 26 23.89 18.02 -0.88
C ASN B 26 23.68 19.06 -1.98
N ASP B 27 22.91 18.64 -2.99
CA ASP B 27 22.57 19.43 -4.17
C ASP B 27 21.13 19.94 -4.04
N LEU B 28 20.96 20.99 -3.24
CA LEU B 28 19.64 21.56 -2.99
C LEU B 28 18.71 21.74 -4.19
N GLU B 29 19.26 22.00 -5.37
CA GLU B 29 18.41 22.20 -6.54
C GLU B 29 17.86 20.88 -7.05
N LYS B 30 18.73 19.89 -7.12
CA LYS B 30 18.35 18.54 -7.56
C LYS B 30 17.29 18.03 -6.59
N ASN B 31 17.58 18.13 -5.30
CA ASN B 31 16.63 17.70 -4.29
C ASN B 31 15.29 18.40 -4.52
N PHE B 32 15.32 19.71 -4.70
CA PHE B 32 14.07 20.44 -4.91
C PHE B 32 13.29 19.90 -6.10
N GLN B 33 13.94 19.79 -7.25
CA GLN B 33 13.28 19.29 -8.45
C GLN B 33 12.57 17.95 -8.24
N ALA B 34 13.24 17.03 -7.56
CA ALA B 34 12.67 15.73 -7.27
C ALA B 34 11.32 15.93 -6.57
N ALA B 35 11.35 16.64 -5.45
CA ALA B 35 10.16 16.93 -4.65
C ALA B 35 9.07 17.64 -5.44
N LYS B 36 9.44 18.74 -6.08
CA LYS B 36 8.50 19.52 -6.88
C LYS B 36 7.77 18.65 -7.90
N ASN B 37 8.49 17.70 -8.48
CA ASN B 37 7.92 16.81 -9.48
C ASN B 37 6.82 15.94 -8.87
N MET B 38 7.06 15.44 -7.66
CA MET B 38 6.08 14.61 -7.01
C MET B 38 4.89 15.42 -6.51
N ILE B 39 5.19 16.62 -6.00
CA ILE B 39 4.13 17.51 -5.50
C ILE B 39 3.20 17.82 -6.66
N GLU B 40 3.77 18.12 -7.82
CA GLU B 40 2.97 18.42 -9.01
C GLU B 40 2.06 17.23 -9.32
N ARG B 41 2.59 16.02 -9.27
CA ARG B 41 1.79 14.84 -9.53
C ARG B 41 0.74 14.65 -8.43
N ALA B 42 1.08 15.04 -7.21
CA ALA B 42 0.14 14.90 -6.11
C ALA B 42 -1.03 15.84 -6.38
N GLY B 43 -0.72 17.01 -6.93
CA GLY B 43 -1.76 17.98 -7.23
C GLY B 43 -2.64 17.48 -8.36
N GLU B 44 -2.00 16.98 -9.41
CA GLU B 44 -2.71 16.47 -10.55
C GLU B 44 -3.77 15.46 -10.10
N LYS B 45 -3.43 14.67 -9.09
CA LYS B 45 -4.37 13.68 -8.59
C LYS B 45 -5.28 14.25 -7.51
N LYS B 46 -5.28 15.58 -7.41
CA LYS B 46 -6.10 16.31 -6.46
C LYS B 46 -5.98 15.84 -5.03
N CYS B 47 -4.75 15.60 -4.59
CA CYS B 47 -4.50 15.19 -3.21
C CYS B 47 -4.67 16.45 -2.38
N GLU B 48 -5.04 16.29 -1.12
CA GLU B 48 -5.22 17.43 -0.26
C GLU B 48 -3.93 17.75 0.49
N MET B 49 -3.06 16.75 0.62
CA MET B 49 -1.80 16.95 1.34
C MET B 49 -0.70 16.02 0.84
N VAL B 50 0.55 16.51 0.86
CA VAL B 50 1.72 15.74 0.41
C VAL B 50 2.74 15.74 1.52
N PHE B 51 3.29 14.57 1.82
CA PHE B 51 4.29 14.48 2.86
C PHE B 51 5.69 14.23 2.30
N LEU B 52 6.65 15.01 2.76
CA LEU B 52 8.03 14.84 2.33
C LEU B 52 8.83 14.38 3.54
N PRO B 53 9.94 13.67 3.30
CA PRO B 53 10.80 13.13 4.36
C PRO B 53 11.76 14.06 5.10
N GLU B 54 12.27 13.55 6.21
CA GLU B 54 13.25 14.26 7.01
C GLU B 54 14.46 14.47 6.09
N CYS B 55 15.10 15.62 6.20
CA CYS B 55 16.25 15.96 5.37
C CYS B 55 15.82 16.12 3.90
N PHE B 56 14.58 16.55 3.68
CA PHE B 56 14.07 16.75 2.33
C PHE B 56 14.83 17.88 1.62
N ASP B 57 15.33 18.85 2.38
CA ASP B 57 16.06 19.96 1.80
C ASP B 57 17.41 19.48 1.28
N PHE B 58 18.13 18.71 2.09
CA PHE B 58 19.43 18.19 1.68
C PHE B 58 20.05 17.24 2.69
N ILE B 59 21.16 16.62 2.29
CA ILE B 59 21.94 15.72 3.13
C ILE B 59 23.36 15.94 2.62
N GLY B 60 24.12 16.74 3.35
CA GLY B 60 25.49 17.04 2.93
C GLY B 60 26.52 15.95 3.16
N LEU B 61 27.66 16.12 2.48
CA LEU B 61 28.77 15.18 2.60
C LEU B 61 29.45 15.43 3.95
N ASN B 62 29.82 16.69 4.19
CA ASN B 62 30.46 17.04 5.45
C ASN B 62 29.43 17.68 6.38
N LYS B 63 29.85 18.04 7.59
CA LYS B 63 28.97 18.66 8.55
C LYS B 63 29.10 20.17 8.49
N ASN B 64 30.26 20.64 8.03
CA ASN B 64 30.47 22.08 7.86
C ASN B 64 29.53 22.45 6.72
N GLU B 65 28.90 21.43 6.15
CA GLU B 65 27.98 21.60 5.05
C GLU B 65 26.56 21.53 5.58
N GLN B 66 26.29 20.55 6.45
CA GLN B 66 24.96 20.40 7.04
C GLN B 66 24.81 21.28 8.27
N ILE B 67 25.26 22.53 8.12
CA ILE B 67 25.21 23.51 9.19
C ILE B 67 25.39 24.86 8.49
N ASP B 68 25.97 24.80 7.30
CA ASP B 68 26.23 25.98 6.48
C ASP B 68 25.00 26.18 5.60
N LEU B 69 24.33 25.09 5.24
CA LEU B 69 23.15 25.14 4.39
C LEU B 69 21.83 25.25 5.14
N ALA B 70 21.89 25.27 6.47
CA ALA B 70 20.68 25.39 7.29
C ALA B 70 19.93 26.65 6.88
N MET B 71 18.64 26.51 6.58
CA MET B 71 17.81 27.63 6.15
C MET B 71 17.07 28.33 7.27
N ALA B 72 16.15 29.22 6.88
CA ALA B 72 15.40 30.00 7.85
C ALA B 72 13.91 29.68 8.00
N THR B 73 13.40 28.70 7.26
CA THR B 73 11.97 28.36 7.33
C THR B 73 11.20 29.37 6.49
N ASP B 74 11.71 30.59 6.45
CA ASP B 74 11.10 31.67 5.68
C ASP B 74 12.14 32.23 4.73
N CYS B 75 12.87 31.35 4.04
CA CYS B 75 13.89 31.82 3.11
C CYS B 75 13.42 31.65 1.66
N GLU B 76 14.32 31.97 0.73
CA GLU B 76 14.01 31.88 -0.69
C GLU B 76 13.85 30.44 -1.16
N TYR B 77 14.52 29.50 -0.50
CA TYR B 77 14.40 28.09 -0.88
C TYR B 77 13.02 27.63 -0.43
N MET B 78 12.69 27.90 0.83
CA MET B 78 11.38 27.54 1.37
C MET B 78 10.24 28.16 0.57
N GLU B 79 10.43 29.38 0.08
CA GLU B 79 9.38 30.02 -0.69
C GLU B 79 8.99 29.19 -1.90
N LYS B 80 9.96 28.50 -2.47
CA LYS B 80 9.69 27.65 -3.62
C LYS B 80 8.62 26.63 -3.25
N TYR B 81 8.66 26.15 -2.01
CA TYR B 81 7.68 25.20 -1.55
C TYR B 81 6.33 25.87 -1.32
N ARG B 82 6.34 26.95 -0.53
CA ARG B 82 5.12 27.70 -0.25
C ARG B 82 4.43 28.09 -1.55
N GLU B 83 5.22 28.44 -2.55
CA GLU B 83 4.70 28.83 -3.85
C GLU B 83 4.01 27.63 -4.49
N LEU B 84 4.56 26.45 -4.26
CA LEU B 84 4.00 25.20 -4.82
C LEU B 84 2.69 24.84 -4.15
N ALA B 85 2.65 25.01 -2.83
CA ALA B 85 1.45 24.68 -2.08
C ALA B 85 0.30 25.49 -2.64
N ARG B 86 0.55 26.78 -2.91
CA ARG B 86 -0.49 27.66 -3.46
C ARG B 86 -0.86 27.17 -4.85
N LYS B 87 0.16 27.03 -5.71
CA LYS B 87 -0.02 26.62 -7.10
C LYS B 87 -0.87 25.37 -7.30
N HIS B 88 -0.71 24.39 -6.40
CA HIS B 88 -1.46 23.15 -6.52
C HIS B 88 -2.53 22.97 -5.45
N ASN B 89 -2.86 24.05 -4.76
CA ASN B 89 -3.91 24.04 -3.74
C ASN B 89 -3.76 22.81 -2.85
N ILE B 90 -2.60 22.68 -2.24
CA ILE B 90 -2.34 21.49 -1.42
C ILE B 90 -1.47 21.75 -0.20
N TRP B 91 -1.90 21.20 0.94
CA TRP B 91 -1.15 21.33 2.19
C TRP B 91 0.13 20.51 2.08
N LEU B 92 1.17 20.92 2.80
CA LEU B 92 2.46 20.24 2.76
C LEU B 92 3.02 19.87 4.11
N SER B 93 3.69 18.72 4.16
CA SER B 93 4.35 18.28 5.39
C SER B 93 5.83 18.18 5.09
N LEU B 94 6.58 19.22 5.40
CA LEU B 94 8.01 19.20 5.17
C LEU B 94 8.65 18.48 6.36
N GLY B 95 8.78 17.17 6.19
CA GLY B 95 9.31 16.24 7.17
C GLY B 95 10.43 16.55 8.14
N GLY B 96 11.39 17.40 7.76
CA GLY B 96 12.47 17.70 8.68
C GLY B 96 13.51 18.63 8.09
N LEU B 97 13.17 19.93 8.07
CA LEU B 97 14.05 20.97 7.54
C LEU B 97 15.23 21.24 8.45
N HIS B 98 16.37 21.60 7.85
CA HIS B 98 17.57 21.95 8.59
C HIS B 98 17.31 23.40 8.98
N HIS B 99 16.74 23.60 10.16
CA HIS B 99 16.36 24.92 10.62
C HIS B 99 17.50 25.71 11.29
N LYS B 100 18.05 26.69 10.56
CA LYS B 100 19.14 27.50 11.10
C LYS B 100 18.69 28.36 12.27
N ASP B 101 19.51 28.40 13.31
CA ASP B 101 19.20 29.22 14.46
C ASP B 101 20.17 30.39 14.47
N PRO B 102 19.65 31.60 14.26
CA PRO B 102 20.44 32.83 14.21
C PRO B 102 21.49 32.90 15.33
N SER B 103 21.10 32.55 16.54
CA SER B 103 22.01 32.59 17.68
C SER B 103 23.06 31.46 17.68
N ASP B 104 22.61 30.21 17.62
CA ASP B 104 23.53 29.08 17.62
C ASP B 104 23.65 28.42 16.24
N ALA B 105 24.43 29.02 15.36
CA ALA B 105 24.62 28.49 14.01
C ALA B 105 25.27 27.12 14.00
N ALA B 106 25.86 26.74 15.14
CA ALA B 106 26.53 25.44 15.27
C ALA B 106 25.55 24.32 15.53
N HIS B 107 24.28 24.66 15.72
CA HIS B 107 23.27 23.64 15.99
C HIS B 107 21.91 24.00 15.40
N PRO B 108 21.67 23.61 14.13
CA PRO B 108 20.37 23.92 13.54
C PRO B 108 19.31 23.08 14.22
N TRP B 109 18.05 23.27 13.83
CA TRP B 109 16.97 22.47 14.38
C TRP B 109 16.51 21.51 13.30
N ASN B 110 15.83 20.46 13.73
CA ASN B 110 15.26 19.51 12.79
C ASN B 110 13.78 19.88 12.89
N THR B 111 13.32 20.70 11.96
CA THR B 111 11.94 21.16 11.99
C THR B 111 10.97 20.56 10.98
N HIS B 112 9.89 20.01 11.49
CA HIS B 112 8.84 19.42 10.67
C HIS B 112 7.80 20.54 10.52
N LEU B 113 7.58 21.02 9.29
CA LEU B 113 6.62 22.09 9.05
C LEU B 113 5.39 21.63 8.30
N ILE B 114 4.23 22.17 8.65
CA ILE B 114 3.00 21.88 7.93
C ILE B 114 2.60 23.21 7.33
N ILE B 115 2.46 23.25 6.00
CA ILE B 115 2.12 24.48 5.29
C ILE B 115 0.72 24.49 4.64
N ASP B 116 0.15 25.70 4.59
CA ASP B 116 -1.17 25.99 4.03
C ASP B 116 -1.29 25.73 2.54
N SER B 117 -2.50 25.92 2.02
CA SER B 117 -2.75 25.81 0.59
C SER B 117 -2.41 27.22 0.15
N ASP B 118 -2.11 28.07 1.14
CA ASP B 118 -1.75 29.46 0.93
C ASP B 118 -0.24 29.63 1.08
N GLY B 119 0.38 28.60 1.65
CA GLY B 119 1.82 28.64 1.84
C GLY B 119 2.07 29.14 3.25
N VAL B 120 0.99 29.21 4.02
CA VAL B 120 1.09 29.68 5.40
C VAL B 120 1.45 28.56 6.38
N THR B 121 2.53 28.75 7.12
CA THR B 121 2.92 27.75 8.09
C THR B 121 1.83 27.63 9.15
N ARG B 122 1.32 26.41 9.35
CA ARG B 122 0.28 26.17 10.36
C ARG B 122 0.86 25.49 11.58
N ALA B 123 2.10 25.02 11.48
CA ALA B 123 2.72 24.34 12.61
C ALA B 123 4.17 24.00 12.40
N GLU B 124 4.91 24.01 13.50
CA GLU B 124 6.33 23.69 13.50
C GLU B 124 6.62 22.78 14.69
N TYR B 125 7.35 21.71 14.41
CA TYR B 125 7.73 20.74 15.44
C TYR B 125 9.22 20.55 15.34
N ASN B 126 9.91 20.59 16.48
CA ASN B 126 11.35 20.41 16.50
C ASN B 126 11.67 19.06 17.09
N LYS B 127 12.37 18.25 16.29
CA LYS B 127 12.76 16.91 16.71
C LYS B 127 13.13 16.96 18.20
N LEU B 128 12.40 16.19 19.00
CA LEU B 128 12.64 16.16 20.42
C LEU B 128 13.68 15.13 20.84
N HIS B 129 13.79 14.03 20.09
CA HIS B 129 14.77 12.99 20.44
C HIS B 129 15.91 12.86 19.43
N LEU B 130 17.14 12.97 19.94
CA LEU B 130 18.34 12.87 19.10
C LEU B 130 19.17 11.65 19.48
N PHE B 131 19.94 11.14 18.54
CA PHE B 131 20.76 9.96 18.83
C PHE B 131 22.16 10.37 19.25
N ASP B 132 22.53 10.02 20.48
CA ASP B 132 23.85 10.35 20.99
C ASP B 132 24.49 9.14 21.62
N LEU B 133 25.47 8.60 20.90
CA LEU B 133 26.21 7.43 21.33
C LEU B 133 27.66 7.86 21.46
N GLU B 134 28.23 7.64 22.64
CA GLU B 134 29.62 7.99 22.87
C GLU B 134 30.28 6.96 23.76
N ILE B 135 30.84 5.93 23.15
CA ILE B 135 31.52 4.87 23.88
C ILE B 135 33.02 5.15 23.84
N PRO B 136 33.61 5.51 24.99
CA PRO B 136 35.03 5.83 25.17
C PRO B 136 35.94 5.56 23.97
N GLY B 137 36.46 4.35 23.87
CA GLY B 137 37.33 4.03 22.75
C GLY B 137 36.71 2.97 21.87
N LYS B 138 35.61 3.31 21.22
CA LYS B 138 34.92 2.36 20.34
C LYS B 138 34.23 3.09 19.21
N VAL B 139 33.29 3.97 19.56
CA VAL B 139 32.55 4.73 18.56
C VAL B 139 31.86 5.94 19.20
N ARG B 140 31.78 7.03 18.43
CA ARG B 140 31.16 8.27 18.88
C ARG B 140 30.30 8.90 17.80
N LEU B 141 28.98 8.71 17.90
CA LEU B 141 28.06 9.26 16.92
C LEU B 141 27.09 10.19 17.68
N MET B 142 27.33 11.50 17.61
CA MET B 142 26.51 12.47 18.32
C MET B 142 25.64 13.30 17.37
N GLU B 143 24.35 13.03 17.35
CA GLU B 143 23.44 13.77 16.50
C GLU B 143 23.33 15.19 17.06
N SER B 144 23.52 15.31 18.38
CA SER B 144 23.43 16.59 19.06
C SER B 144 24.63 17.49 18.73
N GLU B 145 25.49 17.02 17.83
CA GLU B 145 26.67 17.79 17.42
C GLU B 145 26.39 18.47 16.09
N PHE B 146 25.52 17.87 15.29
CA PHE B 146 25.17 18.41 14.00
C PHE B 146 23.90 19.26 14.11
N SER B 147 23.11 19.03 15.17
CA SER B 147 21.88 19.77 15.36
C SER B 147 21.50 20.02 16.82
N LYS B 148 20.28 20.50 17.01
CA LYS B 148 19.79 20.84 18.35
C LYS B 148 18.36 20.35 18.57
N ALA B 149 18.12 19.72 19.71
CA ALA B 149 16.79 19.23 20.01
C ALA B 149 15.78 20.35 20.23
N GLY B 150 14.50 20.03 20.09
CA GLY B 150 13.45 21.01 20.31
C GLY B 150 13.25 21.13 21.81
N THR B 151 12.69 22.26 22.26
CA THR B 151 12.49 22.50 23.69
C THR B 151 11.09 22.29 24.26
N GLU B 152 10.08 22.22 23.41
CA GLU B 152 8.72 22.03 23.92
C GLU B 152 7.89 21.04 23.14
N MET B 153 6.81 20.58 23.78
CA MET B 153 5.88 19.63 23.20
C MET B 153 4.82 20.30 22.31
N ILE B 154 4.82 19.96 21.02
CA ILE B 154 3.83 20.52 20.11
C ILE B 154 2.64 19.60 20.02
N PRO B 155 1.42 20.14 20.12
CA PRO B 155 0.22 19.31 20.04
C PRO B 155 -0.15 19.12 18.59
N PRO B 156 -0.95 18.10 18.30
CA PRO B 156 -1.34 17.85 16.90
C PRO B 156 -2.00 19.05 16.25
N VAL B 157 -1.89 19.14 14.93
CA VAL B 157 -2.47 20.25 14.18
C VAL B 157 -3.67 19.77 13.40
N ASP B 158 -4.66 20.65 13.27
CA ASP B 158 -5.86 20.32 12.51
C ASP B 158 -5.51 20.60 11.05
N THR B 159 -5.85 19.66 10.19
CA THR B 159 -5.57 19.79 8.76
C THR B 159 -6.82 19.37 7.99
N PRO B 160 -6.82 19.52 6.66
CA PRO B 160 -8.03 19.11 5.94
C PRO B 160 -8.18 17.60 5.92
N ILE B 161 -7.11 16.88 6.28
CA ILE B 161 -7.18 15.41 6.29
C ILE B 161 -7.32 14.84 7.71
N GLY B 162 -7.48 15.72 8.70
CA GLY B 162 -7.65 15.25 10.07
C GLY B 162 -6.66 15.84 11.06
N ARG B 163 -6.74 15.40 12.32
CA ARG B 163 -5.85 15.85 13.41
C ARG B 163 -4.47 15.21 13.22
N LEU B 164 -3.51 15.98 12.73
CA LEU B 164 -2.18 15.43 12.47
C LEU B 164 -1.14 15.60 13.56
N GLY B 165 -0.70 14.49 14.15
CA GLY B 165 0.32 14.53 15.19
C GLY B 165 1.68 14.68 14.51
N LEU B 166 2.52 15.54 15.07
CA LEU B 166 3.84 15.79 14.48
C LEU B 166 5.01 15.18 15.23
N SER B 167 5.84 14.44 14.48
CA SER B 167 7.04 13.80 15.02
C SER B 167 8.07 13.63 13.90
N ILE B 168 9.26 13.15 14.28
CA ILE B 168 10.31 12.95 13.29
C ILE B 168 11.25 11.80 13.63
N CYS B 169 11.50 10.98 12.61
CA CYS B 169 12.43 9.85 12.70
C CYS B 169 12.51 9.17 14.08
N TYR B 170 13.70 9.20 14.68
CA TYR B 170 13.98 8.61 15.98
C TYR B 170 12.84 8.72 16.99
N ASP B 171 12.00 9.75 16.84
CA ASP B 171 10.87 9.95 17.73
C ASP B 171 10.01 8.68 17.80
N VAL B 172 9.86 8.02 16.66
CA VAL B 172 9.05 6.82 16.56
C VAL B 172 9.44 5.77 17.59
N ARG B 173 10.68 5.84 18.06
CA ARG B 173 11.20 4.89 19.01
C ARG B 173 10.71 5.09 20.45
N PHE B 174 10.09 6.23 20.74
CA PHE B 174 9.60 6.52 22.08
C PHE B 174 8.07 6.54 22.12
N PRO B 175 7.45 5.48 22.66
CA PRO B 175 6.00 5.42 22.71
C PRO B 175 5.26 6.54 23.44
N GLU B 176 5.84 7.07 24.51
CA GLU B 176 5.21 8.14 25.28
C GLU B 176 4.75 9.33 24.44
N LEU B 177 5.62 9.77 23.53
CA LEU B 177 5.32 10.90 22.66
C LEU B 177 4.04 10.67 21.86
N SER B 178 3.91 9.49 21.28
CA SER B 178 2.73 9.17 20.48
C SER B 178 1.46 8.95 21.29
N LEU B 179 1.58 8.31 22.44
CA LEU B 179 0.41 8.11 23.28
C LEU B 179 -0.15 9.51 23.59
N TRP B 180 0.74 10.42 23.94
CA TRP B 180 0.33 11.78 24.24
C TRP B 180 -0.43 12.44 23.08
N ASN B 181 0.16 12.39 21.89
CA ASN B 181 -0.48 12.98 20.71
C ASN B 181 -1.89 12.43 20.47
N ARG B 182 -2.08 11.14 20.70
CA ARG B 182 -3.38 10.53 20.52
C ARG B 182 -4.31 11.11 21.59
N LYS B 183 -3.83 11.15 22.82
CA LYS B 183 -4.61 11.70 23.91
C LYS B 183 -5.02 13.14 23.60
N ARG B 184 -4.20 13.86 22.83
CA ARG B 184 -4.52 15.23 22.48
C ARG B 184 -5.39 15.24 21.25
N GLY B 185 -6.05 14.10 21.01
CA GLY B 185 -6.96 13.94 19.89
C GLY B 185 -6.38 13.79 18.48
N ALA B 186 -5.21 13.18 18.34
CA ALA B 186 -4.66 13.01 17.00
C ALA B 186 -5.40 11.88 16.30
N GLN B 187 -5.48 11.96 14.97
CA GLN B 187 -6.15 10.94 14.16
C GLN B 187 -5.10 10.28 13.28
N LEU B 188 -4.04 11.03 12.97
CA LEU B 188 -2.95 10.53 12.17
C LEU B 188 -1.67 10.93 12.86
N LEU B 189 -0.68 10.03 12.84
CA LEU B 189 0.62 10.33 13.42
C LEU B 189 1.55 10.45 12.23
N SER B 190 2.71 11.06 12.42
CA SER B 190 3.64 11.20 11.31
C SER B 190 5.05 10.93 11.81
N PHE B 191 5.89 10.40 10.93
CA PHE B 191 7.28 10.11 11.29
C PHE B 191 8.19 10.21 10.07
N PRO B 192 8.19 11.37 9.38
CA PRO B 192 9.07 11.54 8.21
C PRO B 192 10.45 11.14 8.69
N SER B 193 11.21 10.39 7.90
CA SER B 193 12.51 9.95 8.36
C SER B 193 13.57 9.70 7.32
N ALA B 194 14.77 9.50 7.84
CA ALA B 194 15.97 9.20 7.08
C ALA B 194 16.60 8.11 7.94
N PHE B 195 15.96 6.94 7.96
CA PHE B 195 16.40 5.78 8.73
C PHE B 195 17.59 5.07 8.11
N THR B 196 18.38 4.41 8.94
CA THR B 196 19.55 3.65 8.49
C THR B 196 19.09 2.34 7.87
N LEU B 197 19.82 1.90 6.85
CA LEU B 197 19.49 0.66 6.17
C LEU B 197 19.42 -0.53 7.11
N ASN B 198 20.41 -0.67 7.99
CA ASN B 198 20.41 -1.80 8.92
C ASN B 198 19.39 -1.69 10.04
N THR B 199 19.12 -0.48 10.50
CA THR B 199 18.15 -0.26 11.57
C THR B 199 16.74 -0.36 10.99
N GLY B 200 16.53 0.38 9.91
CA GLY B 200 15.25 0.39 9.24
C GLY B 200 14.79 -0.98 8.78
N LEU B 201 15.72 -1.79 8.28
CA LEU B 201 15.37 -3.12 7.78
C LEU B 201 14.89 -4.05 8.88
N ALA B 202 15.03 -3.61 10.13
CA ALA B 202 14.62 -4.42 11.28
C ALA B 202 13.54 -3.78 12.15
N HIS B 203 13.50 -2.45 12.19
CA HIS B 203 12.55 -1.71 13.03
C HIS B 203 11.54 -0.78 12.35
N TRP B 204 11.77 -0.42 11.09
CA TRP B 204 10.87 0.51 10.39
C TRP B 204 9.39 0.10 10.41
N GLU B 205 9.03 -0.92 9.63
CA GLU B 205 7.64 -1.36 9.57
C GLU B 205 7.05 -1.72 10.93
N THR B 206 7.76 -2.49 11.74
CA THR B 206 7.22 -2.87 13.03
C THR B 206 6.89 -1.68 13.92
N LEU B 207 7.82 -0.74 14.06
CA LEU B 207 7.57 0.43 14.92
C LEU B 207 6.42 1.31 14.43
N LEU B 208 6.33 1.53 13.11
CA LEU B 208 5.27 2.35 12.56
C LEU B 208 3.91 1.66 12.73
N ARG B 209 3.85 0.38 12.39
CA ARG B 209 2.61 -0.38 12.51
C ARG B 209 2.19 -0.43 13.97
N ALA B 210 3.17 -0.55 14.85
CA ALA B 210 2.90 -0.60 16.28
C ALA B 210 2.26 0.70 16.76
N ARG B 211 2.83 1.84 16.37
CA ARG B 211 2.28 3.12 16.77
C ARG B 211 0.84 3.26 16.29
N ALA B 212 0.60 2.95 15.02
CA ALA B 212 -0.74 3.03 14.44
C ALA B 212 -1.75 2.18 15.24
N ILE B 213 -1.36 0.96 15.58
CA ILE B 213 -2.21 0.06 16.33
C ILE B 213 -2.50 0.49 17.78
N GLU B 214 -1.45 0.90 18.51
CA GLU B 214 -1.60 1.31 19.91
C GLU B 214 -2.39 2.59 20.10
N ASN B 215 -2.27 3.51 19.15
CA ASN B 215 -2.96 4.79 19.23
C ASN B 215 -4.15 4.84 18.27
N GLN B 216 -4.34 3.76 17.50
CA GLN B 216 -5.43 3.69 16.56
C GLN B 216 -5.46 4.96 15.72
N CYS B 217 -4.37 5.22 15.02
CA CYS B 217 -4.27 6.39 14.15
C CYS B 217 -3.60 5.98 12.86
N TYR B 218 -3.85 6.74 11.80
CA TYR B 218 -3.17 6.47 10.55
C TYR B 218 -1.74 6.94 10.83
N VAL B 219 -0.76 6.30 10.20
CA VAL B 219 0.63 6.73 10.39
C VAL B 219 1.17 7.02 9.01
N VAL B 220 1.69 8.23 8.82
CA VAL B 220 2.22 8.66 7.54
C VAL B 220 3.72 8.86 7.72
N ALA B 221 4.53 8.05 7.02
CA ALA B 221 5.97 8.18 7.14
C ALA B 221 6.71 8.33 5.80
N ALA B 222 6.94 9.58 5.39
CA ALA B 222 7.69 9.84 4.16
C ALA B 222 9.16 9.63 4.52
N ALA B 223 9.90 8.90 3.70
CA ALA B 223 11.30 8.66 4.03
C ALA B 223 12.33 8.81 2.92
N GLN B 224 13.58 8.86 3.36
CA GLN B 224 14.76 8.94 2.50
C GLN B 224 15.10 7.49 2.14
N THR B 225 15.66 7.26 0.94
CA THR B 225 16.05 5.91 0.56
C THR B 225 17.30 5.98 -0.32
N GLY B 226 17.93 4.84 -0.55
CA GLY B 226 19.12 4.81 -1.39
C GLY B 226 20.34 5.43 -0.75
N ALA B 227 21.39 5.60 -1.54
CA ALA B 227 22.64 6.17 -1.03
C ALA B 227 22.75 7.66 -1.30
N HIS B 228 22.92 8.43 -0.24
CA HIS B 228 23.04 9.88 -0.35
C HIS B 228 24.46 10.24 -0.75
N ASN B 229 25.40 9.42 -0.31
CA ASN B 229 26.81 9.61 -0.61
C ASN B 229 27.54 8.33 -0.18
N PRO B 230 28.82 8.19 -0.55
CA PRO B 230 29.63 7.02 -0.20
C PRO B 230 29.47 6.50 1.21
N LYS B 231 29.16 7.38 2.16
CA LYS B 231 29.02 6.93 3.52
C LYS B 231 27.66 7.09 4.16
N ARG B 232 26.59 7.00 3.37
CA ARG B 232 25.28 7.12 3.95
C ARG B 232 24.16 6.60 3.06
N GLN B 233 23.42 5.62 3.59
CA GLN B 233 22.31 5.03 2.86
C GLN B 233 21.11 4.98 3.80
N SER B 234 19.92 5.13 3.24
CA SER B 234 18.69 5.11 4.01
C SER B 234 17.79 3.96 3.56
N TYR B 235 16.95 3.50 4.50
CA TYR B 235 16.05 2.37 4.27
C TYR B 235 14.89 2.55 3.30
N GLY B 236 14.36 3.76 3.22
CA GLY B 236 13.24 4.00 2.33
C GLY B 236 11.94 3.41 2.85
N HIS B 237 11.20 2.72 1.98
CA HIS B 237 9.94 2.09 2.34
C HIS B 237 8.90 3.08 2.89
N SER B 238 8.86 4.29 2.34
CA SER B 238 7.89 5.32 2.76
C SER B 238 6.51 4.68 2.70
N MET B 239 5.73 4.81 3.77
CA MET B 239 4.42 4.18 3.80
C MET B 239 3.34 4.97 4.52
N VAL B 240 2.15 4.38 4.55
CA VAL B 240 1.00 4.93 5.23
C VAL B 240 0.38 3.71 5.91
N VAL B 241 0.11 3.80 7.21
CA VAL B 241 -0.50 2.67 7.90
C VAL B 241 -1.86 3.08 8.44
N ASP B 242 -2.84 2.19 8.32
CA ASP B 242 -4.18 2.54 8.82
C ASP B 242 -4.29 2.25 10.32
N PRO B 243 -5.32 2.82 10.98
CA PRO B 243 -5.55 2.65 12.43
C PRO B 243 -5.63 1.20 12.93
N TRP B 244 -5.55 0.25 12.00
CA TRP B 244 -5.63 -1.16 12.37
C TRP B 244 -4.28 -1.82 12.22
N GLY B 245 -3.31 -1.07 11.69
CA GLY B 245 -1.97 -1.61 11.52
C GLY B 245 -1.62 -2.14 10.15
N ALA B 246 -2.54 -2.02 9.19
CA ALA B 246 -2.28 -2.50 7.84
C ALA B 246 -1.53 -1.44 7.04
N VAL B 247 -0.55 -1.87 6.23
CA VAL B 247 0.20 -0.92 5.41
C VAL B 247 -0.60 -0.77 4.11
N VAL B 248 -1.40 0.29 4.05
CA VAL B 248 -2.27 0.55 2.90
C VAL B 248 -1.63 1.24 1.68
N ALA B 249 -0.40 1.70 1.84
CA ALA B 249 0.35 2.36 0.78
C ALA B 249 1.84 2.42 1.10
N GLN B 250 2.67 2.18 0.09
CA GLN B 250 4.12 2.20 0.25
C GLN B 250 4.74 2.53 -1.08
N CYS B 251 5.90 3.13 -1.06
CA CYS B 251 6.60 3.49 -2.29
C CYS B 251 7.47 2.33 -2.74
N SER B 252 7.76 2.26 -4.03
CA SER B 252 8.64 1.21 -4.53
C SER B 252 10.06 1.63 -4.17
N GLU B 253 11.00 0.72 -4.28
CA GLU B 253 12.38 1.05 -3.93
C GLU B 253 13.00 2.00 -4.94
N ARG B 254 12.77 3.30 -4.74
CA ARG B 254 13.31 4.34 -5.62
C ARG B 254 12.76 5.72 -5.28
N VAL B 255 13.16 6.73 -6.05
CA VAL B 255 12.66 8.09 -5.80
C VAL B 255 11.28 8.25 -6.41
N ASP B 256 10.26 8.00 -5.62
CA ASP B 256 8.89 8.08 -6.11
C ASP B 256 7.88 8.29 -4.99
N MET B 257 6.60 8.23 -5.33
CA MET B 257 5.56 8.44 -4.33
C MET B 257 4.52 7.34 -4.37
N CYS B 258 3.64 7.35 -3.37
CA CYS B 258 2.55 6.39 -3.28
C CYS B 258 1.31 7.18 -2.85
N PHE B 259 0.13 6.62 -3.10
CA PHE B 259 -1.12 7.29 -2.75
C PHE B 259 -1.98 6.50 -1.79
N ALA B 260 -2.70 7.22 -0.93
CA ALA B 260 -3.59 6.59 0.05
C ALA B 260 -4.83 7.44 0.28
N GLU B 261 -5.93 6.76 0.60
CA GLU B 261 -7.16 7.45 0.89
C GLU B 261 -7.49 7.07 2.31
N ILE B 262 -7.17 7.96 3.25
CA ILE B 262 -7.44 7.68 4.65
C ILE B 262 -8.89 8.05 4.90
N ASP B 263 -9.54 7.31 5.80
CA ASP B 263 -10.94 7.53 6.13
C ASP B 263 -11.11 7.72 7.63
N LEU B 264 -11.22 8.98 8.04
CA LEU B 264 -11.37 9.33 9.44
C LEU B 264 -12.49 8.56 10.15
N SER B 265 -13.45 8.03 9.38
CA SER B 265 -14.54 7.27 9.97
C SER B 265 -14.06 5.91 10.44
N TYR B 266 -13.09 5.36 9.73
CA TYR B 266 -12.55 4.06 10.10
C TYR B 266 -11.92 4.22 11.48
N VAL B 267 -11.25 5.35 11.69
CA VAL B 267 -10.61 5.63 12.98
C VAL B 267 -11.70 5.59 14.06
N ASP B 268 -12.77 6.36 13.86
CA ASP B 268 -13.87 6.37 14.81
C ASP B 268 -14.41 4.96 15.09
N THR B 269 -14.68 4.20 14.04
CA THR B 269 -15.20 2.85 14.22
C THR B 269 -14.33 2.02 15.15
N LEU B 270 -13.02 1.99 14.86
CA LEU B 270 -12.07 1.22 15.66
C LEU B 270 -12.02 1.67 17.11
N ARG B 271 -11.92 2.98 17.32
CA ARG B 271 -11.87 3.50 18.68
C ARG B 271 -13.14 3.18 19.45
N GLU B 272 -14.25 3.04 18.74
CA GLU B 272 -15.52 2.72 19.39
C GLU B 272 -15.61 1.22 19.75
N MET B 273 -15.24 0.36 18.80
CA MET B 273 -15.30 -1.09 19.01
C MET B 273 -14.16 -1.66 19.83
N GLN B 274 -13.10 -0.87 20.01
CA GLN B 274 -11.95 -1.27 20.79
C GLN B 274 -11.48 -0.07 21.60
N PRO B 275 -12.21 0.24 22.69
CA PRO B 275 -11.89 1.39 23.55
C PRO B 275 -10.65 1.18 24.45
N VAL B 276 -9.49 0.91 23.83
CA VAL B 276 -8.27 0.67 24.60
C VAL B 276 -7.92 1.83 25.55
N PHE B 277 -8.04 3.05 25.06
CA PHE B 277 -7.72 4.19 25.90
C PHE B 277 -8.68 4.42 27.05
N SER B 278 -9.61 3.50 27.24
CA SER B 278 -10.58 3.61 28.32
C SER B 278 -10.33 2.42 29.23
N HIS B 279 -9.25 1.70 28.93
CA HIS B 279 -8.86 0.50 29.66
C HIS B 279 -7.56 0.70 30.43
N ARG B 280 -6.90 1.84 30.21
CA ARG B 280 -5.64 2.14 30.87
C ARG B 280 -5.82 2.30 32.38
N ARG B 281 -4.96 1.62 33.15
CA ARG B 281 -5.03 1.70 34.60
C ARG B 281 -4.36 2.98 35.06
N SER B 282 -5.13 4.05 35.13
CA SER B 282 -4.59 5.35 35.54
C SER B 282 -4.34 5.41 37.02
N ASP B 283 -4.84 4.40 37.73
CA ASP B 283 -4.66 4.32 39.16
C ASP B 283 -3.30 3.71 39.47
N LEU B 284 -2.66 3.15 38.44
CA LEU B 284 -1.38 2.50 38.61
C LEU B 284 -0.25 3.27 37.92
N TYR B 285 -0.54 3.85 36.76
CA TYR B 285 0.49 4.60 36.05
C TYR B 285 -0.12 5.83 35.40
N THR B 286 0.71 6.86 35.24
CA THR B 286 0.28 8.12 34.63
C THR B 286 1.36 8.69 33.72
N LEU B 287 1.02 8.97 32.48
CA LEU B 287 2.01 9.54 31.57
C LEU B 287 1.94 11.06 31.64
N HIS B 288 2.75 11.65 32.50
CA HIS B 288 2.76 13.10 32.63
C HIS B 288 3.57 13.81 31.56
N ILE B 289 3.00 14.88 31.01
CA ILE B 289 3.65 15.67 29.99
C ILE B 289 3.65 17.14 30.40
N ASN B 290 4.75 17.84 30.14
CA ASN B 290 4.84 19.25 30.47
C ASN B 290 4.44 20.02 29.23
N GLU B 291 3.23 20.57 29.26
CA GLU B 291 2.71 21.36 28.14
C GLU B 291 2.33 22.77 28.60
N LYS B 292 2.61 23.75 27.75
CA LYS B 292 2.30 25.14 28.06
C LYS B 292 1.18 25.64 27.16
N SER B 293 -0.02 25.78 27.71
CA SER B 293 -1.17 26.24 26.93
C SER B 293 -1.47 27.72 27.15
N SER B 294 -2.24 28.31 26.23
CA SER B 294 -2.61 29.72 26.32
C SER B 294 -4.09 29.91 26.66
N GLU B 295 -4.36 30.75 27.66
CA GLU B 295 -5.73 31.03 28.09
C GLU B 295 -6.28 32.36 27.58
N THR B 296 -6.98 32.29 26.45
CA THR B 296 -7.59 33.49 25.86
C THR B 296 -8.95 33.72 26.54
N GLY B 297 -8.98 33.46 27.85
CA GLY B 297 -10.19 33.61 28.62
C GLY B 297 -9.92 33.15 30.04
N GLY B 298 -10.56 33.79 31.00
CA GLY B 298 -10.35 33.43 32.39
C GLY B 298 -10.77 32.01 32.75
N LEU B 299 -10.50 31.63 34.00
CA LEU B 299 -10.82 30.30 34.49
C LEU B 299 -11.57 30.32 35.83
N LYS B 300 -12.36 29.28 36.06
CA LYS B 300 -13.14 29.15 37.28
C LYS B 300 -12.35 28.72 38.51
N PHE B 301 -12.28 29.60 39.51
CA PHE B 301 -11.59 29.26 40.76
C PHE B 301 -12.74 29.08 41.76
N ALA B 302 -13.39 27.93 41.65
CA ALA B 302 -14.57 27.58 42.45
C ALA B 302 -15.73 28.19 41.67
N ARG B 303 -16.34 29.24 42.21
CA ARG B 303 -17.44 29.89 41.52
C ARG B 303 -16.96 31.18 40.89
N PHE B 304 -15.88 31.73 41.46
CA PHE B 304 -15.32 32.98 40.97
C PHE B 304 -14.68 32.80 39.61
N ASN B 305 -14.45 33.92 38.92
CA ASN B 305 -13.85 33.92 37.61
C ASN B 305 -12.52 34.65 37.63
N ILE B 306 -11.42 33.92 37.44
CA ILE B 306 -10.10 34.54 37.44
C ILE B 306 -9.80 35.02 36.02
N PRO B 307 -9.54 36.33 35.84
CA PRO B 307 -9.23 36.92 34.53
C PRO B 307 -7.94 36.38 33.93
N ALA B 308 -7.96 36.14 32.62
CA ALA B 308 -6.79 35.64 31.91
C ALA B 308 -5.57 36.53 32.14
N ASP B 309 -5.82 37.82 32.41
CA ASP B 309 -4.74 38.78 32.64
C ASP B 309 -4.15 38.63 34.04
N HIS B 310 -4.78 37.78 34.85
CA HIS B 310 -4.33 37.50 36.21
C HIS B 310 -3.63 36.15 36.28
N ILE B 311 -3.63 35.45 35.15
CA ILE B 311 -3.00 34.14 35.02
C ILE B 311 -1.70 34.31 34.22
N PHE B 312 -0.59 33.83 34.77
CA PHE B 312 0.69 33.96 34.05
C PHE B 312 1.25 32.65 33.50
N TYR B 313 0.64 31.53 33.87
CA TYR B 313 1.08 30.23 33.37
C TYR B 313 -0.11 29.30 33.42
N SER B 314 -0.22 28.43 32.42
CA SER B 314 -1.32 27.48 32.37
C SER B 314 -0.98 26.24 31.57
N THR B 315 -1.61 25.13 31.93
CA THR B 315 -1.39 23.86 31.23
C THR B 315 -2.76 23.19 31.15
N PRO B 316 -2.89 22.15 30.34
CA PRO B 316 -4.19 21.48 30.24
C PRO B 316 -4.75 20.93 31.56
N HIS B 317 -3.93 20.92 32.61
CA HIS B 317 -4.40 20.41 33.91
C HIS B 317 -4.47 21.47 35.00
N SER B 318 -3.63 22.49 34.89
CA SER B 318 -3.61 23.51 35.93
C SER B 318 -3.34 24.92 35.44
N PHE B 319 -3.42 25.86 36.37
CA PHE B 319 -3.15 27.26 36.09
C PHE B 319 -2.64 27.98 37.34
N VAL B 320 -1.87 29.04 37.13
CA VAL B 320 -1.30 29.81 38.22
C VAL B 320 -1.75 31.26 38.07
N PHE B 321 -2.34 31.82 39.13
CA PHE B 321 -2.82 33.18 39.09
C PHE B 321 -2.38 34.01 40.30
N VAL B 322 -2.26 35.33 40.09
CA VAL B 322 -1.85 36.23 41.16
C VAL B 322 -2.99 36.38 42.19
N ASN B 323 -2.62 36.54 43.46
CA ASN B 323 -3.60 36.65 44.54
C ASN B 323 -4.21 38.04 44.73
N LEU B 324 -5.46 38.06 45.20
CA LEU B 324 -6.19 39.31 45.45
C LEU B 324 -5.81 39.88 46.81
N LYS B 325 -5.09 39.09 47.60
CA LYS B 325 -4.66 39.49 48.94
C LYS B 325 -3.30 38.87 49.25
N PRO B 326 -2.29 39.16 48.44
CA PRO B 326 -0.94 38.60 48.63
C PRO B 326 -0.40 38.69 50.05
N VAL B 327 -0.22 37.53 50.66
CA VAL B 327 0.30 37.43 52.02
C VAL B 327 1.75 37.93 52.07
N THR B 328 2.32 38.19 50.90
CA THR B 328 3.69 38.68 50.78
C THR B 328 4.03 38.73 49.29
N ASP B 329 5.04 39.51 48.92
CA ASP B 329 5.44 39.61 47.52
C ASP B 329 5.74 38.24 46.96
N GLY B 330 5.23 37.97 45.76
CA GLY B 330 5.45 36.68 45.12
C GLY B 330 4.39 35.64 45.43
N HIS B 331 3.59 35.89 46.46
CA HIS B 331 2.54 34.97 46.89
C HIS B 331 1.47 34.75 45.82
N VAL B 332 1.56 33.62 45.12
CA VAL B 332 0.61 33.27 44.07
C VAL B 332 -0.14 31.99 44.39
N LEU B 333 -1.07 31.61 43.52
CA LEU B 333 -1.86 30.40 43.71
C LEU B 333 -1.76 29.44 42.52
N VAL B 334 -1.81 28.15 42.82
CA VAL B 334 -1.73 27.13 41.78
C VAL B 334 -2.88 26.17 42.01
N SER B 335 -3.85 26.19 41.10
CA SER B 335 -5.03 25.32 41.21
C SER B 335 -5.26 24.52 39.95
N PRO B 336 -6.03 23.42 40.06
CA PRO B 336 -6.35 22.55 38.91
C PRO B 336 -7.55 23.14 38.18
N LYS B 337 -7.53 23.09 36.84
CA LYS B 337 -8.66 23.61 36.08
C LYS B 337 -9.95 22.93 36.50
N ARG B 338 -9.88 21.63 36.80
CA ARG B 338 -11.06 20.90 37.22
C ARG B 338 -11.44 21.36 38.62
N VAL B 339 -12.62 21.98 38.74
CA VAL B 339 -13.08 22.51 40.02
C VAL B 339 -13.30 21.41 41.05
N VAL B 340 -12.32 21.29 41.95
CA VAL B 340 -12.34 20.28 42.99
C VAL B 340 -11.80 20.90 44.28
N PRO B 341 -12.42 20.57 45.43
CA PRO B 341 -12.00 21.10 46.72
C PRO B 341 -10.81 20.43 47.40
N ARG B 342 -10.80 19.09 47.41
CA ARG B 342 -9.75 18.34 48.07
C ARG B 342 -8.63 17.78 47.20
N LEU B 343 -7.42 17.74 47.77
CA LEU B 343 -6.24 17.21 47.08
C LEU B 343 -6.52 15.73 46.81
N THR B 344 -7.17 15.09 47.76
CA THR B 344 -7.51 13.68 47.65
C THR B 344 -8.65 13.44 46.67
N ASP B 345 -9.06 14.48 45.94
CA ASP B 345 -10.13 14.35 44.95
C ASP B 345 -9.51 14.36 43.55
N LEU B 346 -8.23 14.73 43.50
CA LEU B 346 -7.49 14.83 42.25
C LEU B 346 -6.93 13.51 41.74
N THR B 347 -6.76 13.41 40.42
CA THR B 347 -6.20 12.21 39.79
C THR B 347 -4.69 12.41 39.67
N ASP B 348 -3.95 11.30 39.67
CA ASP B 348 -2.49 11.39 39.60
C ASP B 348 -2.01 12.35 38.52
N ALA B 349 -2.70 12.38 37.39
CA ALA B 349 -2.29 13.28 36.32
C ALA B 349 -2.30 14.70 36.85
N GLU B 350 -3.36 15.04 37.56
CA GLU B 350 -3.54 16.35 38.15
C GLU B 350 -2.57 16.61 39.30
N THR B 351 -2.52 15.68 40.24
CA THR B 351 -1.62 15.82 41.38
C THR B 351 -0.22 16.11 40.86
N ALA B 352 0.27 15.21 40.01
CA ALA B 352 1.60 15.35 39.42
C ALA B 352 1.80 16.68 38.71
N ASP B 353 0.88 17.04 37.82
CA ASP B 353 1.01 18.30 37.09
C ASP B 353 0.91 19.52 38.02
N LEU B 354 0.03 19.44 39.01
CA LEU B 354 -0.15 20.55 39.94
C LEU B 354 1.15 20.93 40.63
N PHE B 355 1.83 19.94 41.20
CA PHE B 355 3.08 20.19 41.89
C PHE B 355 4.32 20.35 41.01
N ILE B 356 4.28 19.86 39.78
CA ILE B 356 5.43 20.05 38.90
C ILE B 356 5.31 21.48 38.40
N VAL B 357 4.09 21.98 38.32
CA VAL B 357 3.87 23.35 37.89
C VAL B 357 4.31 24.23 39.05
N ALA B 358 4.01 23.76 40.26
CA ALA B 358 4.38 24.48 41.48
C ALA B 358 5.90 24.62 41.52
N LYS B 359 6.58 23.57 41.06
CA LYS B 359 8.04 23.55 41.03
C LYS B 359 8.57 24.58 40.04
N LYS B 360 7.98 24.59 38.83
CA LYS B 360 8.40 25.54 37.78
C LYS B 360 8.16 26.96 38.24
N VAL B 361 7.03 27.18 38.91
CA VAL B 361 6.68 28.51 39.40
C VAL B 361 7.61 28.91 40.53
N GLN B 362 7.87 28.00 41.45
CA GLN B 362 8.77 28.28 42.57
C GLN B 362 10.09 28.87 42.09
N ALA B 363 10.78 28.12 41.24
CA ALA B 363 12.06 28.55 40.71
C ALA B 363 12.04 29.93 40.07
N MET B 364 10.97 30.24 39.34
CA MET B 364 10.85 31.53 38.67
C MET B 364 10.66 32.67 39.66
N LEU B 365 9.86 32.43 40.70
CA LEU B 365 9.60 33.46 41.70
C LEU B 365 10.88 33.86 42.43
N GLU B 366 11.80 32.91 42.59
CA GLU B 366 13.06 33.16 43.27
C GLU B 366 14.10 33.86 42.40
N LYS B 367 14.04 33.61 41.09
CA LYS B 367 14.97 34.23 40.16
C LYS B 367 14.59 35.71 40.05
N HIS B 368 13.30 35.98 40.19
CA HIS B 368 12.75 37.34 40.11
C HIS B 368 12.88 38.04 41.45
N HIS B 369 12.06 37.66 42.42
CA HIS B 369 12.11 38.27 43.76
C HIS B 369 13.46 38.01 44.41
N ASN B 370 14.38 37.45 43.64
CA ASN B 370 15.72 37.12 44.10
C ASN B 370 15.81 36.76 45.56
N VAL B 371 15.44 35.52 45.88
CA VAL B 371 15.49 34.99 47.24
C VAL B 371 15.87 33.51 47.13
N THR B 372 15.96 32.82 48.26
CA THR B 372 16.34 31.42 48.25
C THR B 372 15.48 30.56 49.17
N SER B 373 14.24 30.97 49.38
CA SER B 373 13.35 30.21 50.25
C SER B 373 11.91 30.38 49.81
N THR B 374 11.14 29.30 49.93
CA THR B 374 9.73 29.33 49.56
C THR B 374 8.98 28.33 50.43
N THR B 375 7.71 28.62 50.69
CA THR B 375 6.88 27.75 51.50
C THR B 375 5.69 27.33 50.65
N ILE B 376 5.38 26.04 50.64
CA ILE B 376 4.25 25.54 49.88
C ILE B 376 3.20 25.07 50.87
N CYS B 377 2.06 25.78 50.90
CA CYS B 377 0.97 25.43 51.81
C CYS B 377 -0.27 25.03 51.03
N VAL B 378 -1.07 24.16 51.63
CA VAL B 378 -2.32 23.71 51.05
C VAL B 378 -3.31 23.53 52.19
N GLN B 379 -4.31 24.40 52.24
CA GLN B 379 -5.33 24.32 53.28
C GLN B 379 -6.48 23.47 52.78
N ASP B 380 -6.35 22.16 52.95
CA ASP B 380 -7.37 21.25 52.48
C ASP B 380 -8.37 20.88 53.57
N GLY B 381 -9.44 21.66 53.66
CA GLY B 381 -10.47 21.41 54.66
C GLY B 381 -10.83 22.62 55.50
N LYS B 382 -12.04 22.63 56.04
CA LYS B 382 -12.50 23.73 56.87
C LYS B 382 -11.52 24.00 58.01
N ASP B 383 -11.24 22.95 58.78
CA ASP B 383 -10.36 23.02 59.93
C ASP B 383 -8.91 23.41 59.59
N ALA B 384 -8.58 23.37 58.30
CA ALA B 384 -7.23 23.73 57.85
C ALA B 384 -7.16 25.17 57.35
N GLY B 385 -8.33 25.80 57.23
CA GLY B 385 -8.38 27.19 56.79
C GLY B 385 -8.75 27.44 55.34
N GLN B 386 -9.27 26.44 54.65
CA GLN B 386 -9.65 26.63 53.25
C GLN B 386 -10.86 27.56 53.17
N THR B 387 -10.66 28.71 52.53
CA THR B 387 -11.72 29.71 52.40
C THR B 387 -12.51 29.60 51.10
N VAL B 388 -12.11 28.66 50.24
CA VAL B 388 -12.78 28.44 48.95
C VAL B 388 -12.68 26.95 48.54
N PRO B 389 -13.82 26.33 48.19
CA PRO B 389 -13.92 24.92 47.78
C PRO B 389 -13.28 24.59 46.43
N HIS B 390 -11.97 24.85 46.32
CA HIS B 390 -11.24 24.58 45.09
C HIS B 390 -9.76 24.54 45.43
N VAL B 391 -9.19 23.34 45.37
CA VAL B 391 -7.77 23.12 45.66
C VAL B 391 -6.86 24.20 45.09
N HIS B 392 -6.05 24.81 45.94
CA HIS B 392 -5.10 25.81 45.48
C HIS B 392 -3.84 25.75 46.32
N ILE B 393 -2.69 25.78 45.65
CA ILE B 393 -1.40 25.71 46.33
C ILE B 393 -0.85 27.09 46.60
N HIS B 394 -0.58 27.36 47.87
CA HIS B 394 -0.02 28.64 48.26
C HIS B 394 1.48 28.53 48.04
N ILE B 395 1.99 29.32 47.10
CA ILE B 395 3.41 29.33 46.79
C ILE B 395 3.89 30.72 47.19
N LEU B 396 4.55 30.82 48.35
CA LEU B 396 5.02 32.13 48.81
C LEU B 396 6.50 32.22 49.13
N PRO B 397 7.25 32.95 48.29
CA PRO B 397 8.70 33.13 48.47
C PRO B 397 8.99 33.80 49.81
N ARG B 398 10.15 33.48 50.38
CA ARG B 398 10.52 34.02 51.67
C ARG B 398 11.84 34.80 51.74
N ARG B 399 11.91 35.69 52.74
CA ARG B 399 13.09 36.51 53.01
C ARG B 399 13.34 36.51 54.53
N ALA B 400 13.83 37.63 55.04
CA ALA B 400 14.12 37.78 56.47
C ALA B 400 12.91 38.26 57.27
N GLY B 401 12.22 39.29 56.76
CA GLY B 401 11.05 39.84 57.44
C GLY B 401 9.87 38.89 57.59
N ASP B 402 8.96 38.92 56.63
CA ASP B 402 7.74 38.07 56.61
C ASP B 402 7.42 37.36 57.93
N ARG B 424 -6.60 45.01 46.93
CA ARG B 424 -5.65 44.87 45.82
C ARG B 424 -6.15 45.50 44.54
N SER B 425 -5.27 46.25 43.89
CA SER B 425 -5.59 46.93 42.63
C SER B 425 -5.75 45.96 41.46
N ASN B 426 -6.99 45.81 40.98
CA ASN B 426 -7.29 44.92 39.87
C ASN B 426 -6.43 45.26 38.66
N GLU B 427 -6.02 46.52 38.56
CA GLU B 427 -5.19 46.97 37.45
C GLU B 427 -3.74 46.60 37.71
N GLN B 428 -3.37 46.59 38.98
CA GLN B 428 -2.00 46.27 39.38
C GLN B 428 -1.78 44.77 39.56
N MET B 429 -2.87 44.01 39.60
CA MET B 429 -2.78 42.55 39.74
C MET B 429 -2.37 41.95 38.40
N ALA B 430 -2.84 42.56 37.31
CA ALA B 430 -2.50 42.10 35.96
C ALA B 430 -1.10 42.62 35.62
N GLU B 431 -0.65 43.62 36.38
CA GLU B 431 0.66 44.22 36.17
C GLU B 431 1.72 43.24 36.67
N GLU B 432 1.36 42.47 37.70
CA GLU B 432 2.26 41.47 38.26
C GLU B 432 2.22 40.24 37.35
N ALA B 433 1.01 39.78 37.05
CA ALA B 433 0.81 38.62 36.19
C ALA B 433 1.56 38.74 34.87
N VAL B 434 1.71 39.96 34.36
CA VAL B 434 2.41 40.15 33.10
C VAL B 434 3.91 39.90 33.22
N VAL B 435 4.50 40.41 34.31
CA VAL B 435 5.93 40.22 34.51
C VAL B 435 6.30 38.76 34.61
N TYR B 436 5.53 38.00 35.39
CA TYR B 436 5.78 36.58 35.56
C TYR B 436 5.58 35.79 34.27
N ARG B 437 4.51 36.11 33.55
CA ARG B 437 4.19 35.41 32.31
C ARG B 437 5.37 35.37 31.33
N ASN B 438 6.22 36.39 31.37
CA ASN B 438 7.38 36.45 30.47
C ASN B 438 8.57 35.69 31.06
N LEU B 439 8.41 35.22 32.29
CA LEU B 439 9.45 34.47 33.00
C LEU B 439 9.07 32.99 33.14
N MET B 440 7.91 32.65 32.60
CA MET B 440 7.43 31.27 32.64
C MET B 440 7.54 30.66 31.24
HG EMC C . -11.30 -19.29 -3.88
C1 EMC C . -10.56 -21.07 -3.26
C2 EMC C . -10.91 -22.10 -4.23
HG EMC D . -17.01 -17.55 -7.77
C1 EMC D . -17.28 -18.56 -9.49
C2 EMC D . -17.45 -19.96 -9.12
HG EMC E . -32.64 -9.75 -18.37
C1 EMC E . -32.94 -8.37 -19.80
C2 EMC E . -31.93 -8.57 -20.82
NA NA F . 5.30 0.76 -8.23
NA NA G . -0.60 -16.12 -13.43
NA NA H . 9.18 -41.32 -43.74
C1 MPD I . -14.06 -5.88 14.94
C2 MPD I . -13.42 -4.49 14.86
O2 MPD I . -14.46 -3.57 14.46
CM MPD I . -12.86 -4.09 16.19
C3 MPD I . -12.30 -4.37 13.81
C4 MPD I . -12.55 -4.95 12.41
O4 MPD I . -13.66 -4.35 11.79
C5 MPD I . -11.34 -4.75 11.52
HG EMC J . 16.95 10.34 11.25
C1 EMC J . 18.17 10.23 12.86
C2 EMC J . 19.32 11.07 12.62
HG EMC K . 17.54 16.85 8.47
C1 EMC K . 17.16 18.46 9.60
C2 EMC K . 18.20 18.56 10.62
NA NA L . 17.51 29.07 2.03
#